data_474D
# 
_entry.id   474D 
# 
_audit_conform.dict_name       mmcif_pdbx.dic 
_audit_conform.dict_version    5.387 
_audit_conform.dict_location   http://mmcif.pdb.org/dictionaries/ascii/mmcif_pdbx.dic 
# 
loop_
_database_2.database_id 
_database_2.database_code 
_database_2.pdbx_database_accession 
_database_2.pdbx_DOI 
PDB   474D         pdb_0000474d 10.2210/pdb474d/pdb 
RCSB  GDJB58       ?            ?                   
WWPDB D_1000179249 ?            ?                   
# 
loop_
_pdbx_audit_revision_history.ordinal 
_pdbx_audit_revision_history.data_content_type 
_pdbx_audit_revision_history.major_revision 
_pdbx_audit_revision_history.minor_revision 
_pdbx_audit_revision_history.revision_date 
1 'Structure model' 1 0 1998-12-02 
2 'Structure model' 1 1 2008-05-22 
3 'Structure model' 1 2 2011-07-13 
4 'Structure model' 1 3 2018-03-07 
5 'Structure model' 1 4 2024-02-28 
# 
_pdbx_audit_revision_details.ordinal             1 
_pdbx_audit_revision_details.revision_ordinal    1 
_pdbx_audit_revision_details.data_content_type   'Structure model' 
_pdbx_audit_revision_details.provider            repository 
_pdbx_audit_revision_details.type                'Initial release' 
_pdbx_audit_revision_details.description         ? 
_pdbx_audit_revision_details.details             ? 
# 
loop_
_pdbx_audit_revision_group.ordinal 
_pdbx_audit_revision_group.revision_ordinal 
_pdbx_audit_revision_group.data_content_type 
_pdbx_audit_revision_group.group 
1 2 'Structure model' 'Version format compliance' 
2 3 'Structure model' 'Version format compliance' 
3 4 'Structure model' 'Data collection'           
4 5 'Structure model' 'Data collection'           
5 5 'Structure model' 'Database references'       
6 5 'Structure model' 'Derived calculations'      
# 
loop_
_pdbx_audit_revision_category.ordinal 
_pdbx_audit_revision_category.revision_ordinal 
_pdbx_audit_revision_category.data_content_type 
_pdbx_audit_revision_category.category 
1 4 'Structure model' diffrn_source  
2 5 'Structure model' chem_comp_atom 
3 5 'Structure model' chem_comp_bond 
4 5 'Structure model' database_2     
5 5 'Structure model' struct_conn    
6 5 'Structure model' struct_site    
# 
loop_
_pdbx_audit_revision_item.ordinal 
_pdbx_audit_revision_item.revision_ordinal 
_pdbx_audit_revision_item.data_content_type 
_pdbx_audit_revision_item.item 
1 4 'Structure model' '_diffrn_source.source'               
2 5 'Structure model' '_database_2.pdbx_DOI'                
3 5 'Structure model' '_database_2.pdbx_database_accession' 
4 5 'Structure model' '_struct_conn.pdbx_leaving_atom_flag' 
5 5 'Structure model' '_struct_site.pdbx_auth_asym_id'      
6 5 'Structure model' '_struct_site.pdbx_auth_comp_id'      
7 5 'Structure model' '_struct_site.pdbx_auth_seq_id'       
# 
_pdbx_database_status.status_code                     REL 
_pdbx_database_status.entry_id                        474D 
_pdbx_database_status.recvd_initial_deposition_date   1998-01-14 
_pdbx_database_status.deposit_site                    NDB 
_pdbx_database_status.process_site                    NDB 
_pdbx_database_status.SG_entry                        . 
_pdbx_database_status.pdb_format_compatible           Y 
_pdbx_database_status.status_code_mr                  ? 
_pdbx_database_status.status_code_sf                  ? 
_pdbx_database_status.status_code_cs                  ? 
_pdbx_database_status.methods_development_category    ? 
_pdbx_database_status.status_code_nmr_data            ? 
# 
loop_
_audit_author.name 
_audit_author.pdbx_ordinal 
'Chen, X.'          1 
'Rao, S.T.'         2 
'Sekar, K.'         3 
'Sundaralingam, M.' 4 
# 
_citation.id                        primary 
_citation.title                     
'A novel end-to-end binding of two netropsins to the DNA decamers d(CCCCCIIIII)2, d(CCCBr5CCIIIII)2and d(CBr5CCCCIIIII)2.' 
_citation.journal_abbrev            'Nucleic Acids Res.' 
_citation.journal_volume            26 
_citation.page_first                5464 
_citation.page_last                 5471 
_citation.year                      1998 
_citation.journal_id_ASTM           NARHAD 
_citation.country                   UK 
_citation.journal_id_ISSN           0305-1048 
_citation.journal_id_CSD            0389 
_citation.book_publisher            ? 
_citation.pdbx_database_id_PubMed   9826773 
_citation.pdbx_database_id_DOI      10.1093/nar/26.23.5464 
# 
loop_
_citation_author.citation_id 
_citation_author.name 
_citation_author.ordinal 
_citation_author.identifier_ORCID 
primary 'Chen, X.'          1 ? 
primary 'Mitra, S.N.'       2 ? 
primary 'Rao, S.T.'         3 ? 
primary 'Sekar, K.'         4 ? 
primary 'Sundaralingam, M.' 5 ? 
# 
loop_
_entity.id 
_entity.type 
_entity.src_method 
_entity.pdbx_description 
_entity.formula_weight 
_entity.pdbx_number_of_molecules 
_entity.pdbx_ec 
_entity.pdbx_mutation 
_entity.pdbx_fragment 
_entity.details 
1 polymer     syn 
;DNA (5'-D(*CP*CP*CP*(CBR)P*CP*IP*IP*IP*IP*I)-3')
;
3050.807 4  ? ? ? ? 
2 non-polymer syn NETROPSIN                                          430.464  4  ? ? ? ? 
3 water       nat water                                              18.015   38 ? ? ? ? 
# 
_entity_poly.entity_id                      1 
_entity_poly.type                           polydeoxyribonucleotide 
_entity_poly.nstd_linkage                   no 
_entity_poly.nstd_monomer                   yes 
_entity_poly.pdbx_seq_one_letter_code       '(DC)(DC)(DC)(CBR)(DC)(DI)(DI)(DI)(DI)(DI)' 
_entity_poly.pdbx_seq_one_letter_code_can   CCCCCIIIII 
_entity_poly.pdbx_strand_id                 A,B,C,D 
_entity_poly.pdbx_target_identifier         ? 
# 
loop_
_pdbx_entity_nonpoly.entity_id 
_pdbx_entity_nonpoly.name 
_pdbx_entity_nonpoly.comp_id 
2 NETROPSIN NT  
3 water     HOH 
# 
loop_
_entity_poly_seq.entity_id 
_entity_poly_seq.num 
_entity_poly_seq.mon_id 
_entity_poly_seq.hetero 
1 1  DC  n 
1 2  DC  n 
1 3  DC  n 
1 4  CBR n 
1 5  DC  n 
1 6  DI  n 
1 7  DI  n 
1 8  DI  n 
1 9  DI  n 
1 10 DI  n 
# 
loop_
_chem_comp.id 
_chem_comp.type 
_chem_comp.mon_nstd_flag 
_chem_comp.name 
_chem_comp.pdbx_synonyms 
_chem_comp.formula 
_chem_comp.formula_weight 
CBR 'DNA linking' n "5-BROMO-2'-DEOXY-CYTIDINE-5'-MONOPHOSPHATE" ? 'C9 H13 Br N3 O7 P' 386.093 
DC  'DNA linking' y "2'-DEOXYCYTIDINE-5'-MONOPHOSPHATE"          ? 'C9 H14 N3 O7 P'    307.197 
DI  'DNA linking' y "2'-DEOXYINOSINE-5'-MONOPHOSPHATE"           ? 'C10 H13 N4 O7 P'   332.207 
HOH non-polymer   . WATER                                        ? 'H2 O'              18.015  
NT  non-polymer   . NETROPSIN                                    ? 'C18 H26 N10 O3'    430.464 
# 
loop_
_pdbx_poly_seq_scheme.asym_id 
_pdbx_poly_seq_scheme.entity_id 
_pdbx_poly_seq_scheme.seq_id 
_pdbx_poly_seq_scheme.mon_id 
_pdbx_poly_seq_scheme.ndb_seq_num 
_pdbx_poly_seq_scheme.pdb_seq_num 
_pdbx_poly_seq_scheme.auth_seq_num 
_pdbx_poly_seq_scheme.pdb_mon_id 
_pdbx_poly_seq_scheme.auth_mon_id 
_pdbx_poly_seq_scheme.pdb_strand_id 
_pdbx_poly_seq_scheme.pdb_ins_code 
_pdbx_poly_seq_scheme.hetero 
A 1 1  DC  1  1  1  DC  C A . n 
A 1 2  DC  2  2  2  DC  C A . n 
A 1 3  DC  3  3  3  DC  C A . n 
A 1 4  CBR 4  4  4  CBR C A . n 
A 1 5  DC  5  5  5  DC  C A . n 
A 1 6  DI  6  6  6  DI  I A . n 
A 1 7  DI  7  7  7  DI  I A . n 
A 1 8  DI  8  8  8  DI  I A . n 
A 1 9  DI  9  9  9  DI  I A . n 
A 1 10 DI  10 10 10 DI  I A . n 
B 1 1  DC  1  11 11 DC  C B . n 
B 1 2  DC  2  12 12 DC  C B . n 
B 1 3  DC  3  13 13 DC  C B . n 
B 1 4  CBR 4  14 14 CBR C B . n 
B 1 5  DC  5  15 15 DC  C B . n 
B 1 6  DI  6  16 16 DI  I B . n 
B 1 7  DI  7  17 17 DI  I B . n 
B 1 8  DI  8  18 18 DI  I B . n 
B 1 9  DI  9  19 19 DI  I B . n 
B 1 10 DI  10 20 20 DI  I B . n 
C 1 1  DC  1  21 21 DC  C C . n 
C 1 2  DC  2  22 22 DC  C C . n 
C 1 3  DC  3  23 23 DC  C C . n 
C 1 4  CBR 4  24 24 CBR C C . n 
C 1 5  DC  5  25 25 DC  C C . n 
C 1 6  DI  6  26 26 DI  I C . n 
C 1 7  DI  7  27 27 DI  I C . n 
C 1 8  DI  8  28 28 DI  I C . n 
C 1 9  DI  9  29 29 DI  I C . n 
C 1 10 DI  10 30 30 DI  I C . n 
D 1 1  DC  1  31 31 DC  C D . n 
D 1 2  DC  2  32 32 DC  C D . n 
D 1 3  DC  3  33 33 DC  C D . n 
D 1 4  CBR 4  34 34 CBR C D . n 
D 1 5  DC  5  35 35 DC  C D . n 
D 1 6  DI  6  36 36 DI  I D . n 
D 1 7  DI  7  37 37 DI  I D . n 
D 1 8  DI  8  38 38 DI  I D . n 
D 1 9  DI  9  39 39 DI  I D . n 
D 1 10 DI  10 40 40 DI  I D . n 
# 
loop_
_pdbx_nonpoly_scheme.asym_id 
_pdbx_nonpoly_scheme.entity_id 
_pdbx_nonpoly_scheme.mon_id 
_pdbx_nonpoly_scheme.ndb_seq_num 
_pdbx_nonpoly_scheme.pdb_seq_num 
_pdbx_nonpoly_scheme.auth_seq_num 
_pdbx_nonpoly_scheme.pdb_mon_id 
_pdbx_nonpoly_scheme.auth_mon_id 
_pdbx_nonpoly_scheme.pdb_strand_id 
_pdbx_nonpoly_scheme.pdb_ins_code 
E 2 NT  1  41 41 NT  NT  A . 
F 2 NT  1  42 42 NT  NT  A . 
G 2 NT  1  43 43 NT  NT  C . 
H 2 NT  1  44 44 NT  NT  C . 
I 3 HOH 1  46 46 HOH HOH A . 
I 3 HOH 2  49 49 HOH HOH A . 
I 3 HOH 3  50 50 HOH HOH A . 
I 3 HOH 4  52 52 HOH HOH A . 
I 3 HOH 5  55 55 HOH HOH A . 
I 3 HOH 6  60 60 HOH HOH A . 
I 3 HOH 7  61 61 HOH HOH A . 
I 3 HOH 8  65 65 HOH HOH A . 
I 3 HOH 9  66 66 HOH HOH A . 
I 3 HOH 10 74 74 HOH HOH A . 
I 3 HOH 11 75 75 HOH HOH A . 
I 3 HOH 12 76 76 HOH HOH A . 
I 3 HOH 13 77 77 HOH HOH A . 
I 3 HOH 14 82 82 HOH HOH A . 
J 3 HOH 1  47 47 HOH HOH B . 
J 3 HOH 2  48 48 HOH HOH B . 
J 3 HOH 3  51 51 HOH HOH B . 
J 3 HOH 4  57 57 HOH HOH B . 
J 3 HOH 5  63 63 HOH HOH B . 
J 3 HOH 6  64 64 HOH HOH B . 
J 3 HOH 7  71 71 HOH HOH B . 
J 3 HOH 8  73 73 HOH HOH B . 
J 3 HOH 9  78 78 HOH HOH B . 
J 3 HOH 10 81 81 HOH HOH B . 
K 3 HOH 1  45 45 HOH HOH C . 
K 3 HOH 2  53 53 HOH HOH C . 
K 3 HOH 3  54 54 HOH HOH C . 
K 3 HOH 4  56 56 HOH HOH C . 
K 3 HOH 5  59 59 HOH HOH C . 
K 3 HOH 6  62 62 HOH HOH C . 
K 3 HOH 7  68 68 HOH HOH C . 
K 3 HOH 8  69 69 HOH HOH C . 
K 3 HOH 9  70 70 HOH HOH C . 
K 3 HOH 10 72 72 HOH HOH C . 
K 3 HOH 11 79 79 HOH HOH C . 
L 3 HOH 1  58 58 HOH HOH D . 
L 3 HOH 2  67 67 HOH HOH D . 
L 3 HOH 3  80 80 HOH HOH D . 
# 
loop_
_software.name 
_software.classification 
_software.version 
_software.citation_id 
_software.pdbx_ordinal 
X-PLOR refinement       3.1 ? 1 
MSC    'data reduction' .   ? 2 
MSC    'data scaling'   .   ? 3 
# 
_cell.entry_id           474D 
_cell.length_a           32.660 
_cell.length_b           32.770 
_cell.length_c           37.710 
_cell.angle_alpha        86.01 
_cell.angle_beta         84.37 
_cell.angle_gamma        68.90 
_cell.Z_PDB              4 
_cell.pdbx_unique_axis   ? 
# 
_symmetry.entry_id                         474D 
_symmetry.space_group_name_H-M             'P 1' 
_symmetry.pdbx_full_space_group_name_H-M   ? 
_symmetry.cell_setting                     ? 
_symmetry.Int_Tables_number                1 
# 
_exptl.entry_id          474D 
_exptl.method            'X-RAY DIFFRACTION' 
_exptl.crystals_number   1 
# 
_exptl_crystal.id                    1 
_exptl_crystal.density_meas          ? 
_exptl_crystal.density_Matthews      2.58 
_exptl_crystal.density_percent_sol   53.0000 
_exptl_crystal.description           ? 
# 
_exptl_crystal_grow.crystal_id      1 
_exptl_crystal_grow.method          'VAPOR DIFFUSION, HANGING DROP' 
_exptl_crystal_grow.temp            291.00 
_exptl_crystal_grow.temp_details    ? 
_exptl_crystal_grow.pH              6.00 
_exptl_crystal_grow.pdbx_details    'pH 6.00, VAPOR DIFFUSION, HANGING DROP, temperature 291.00K' 
_exptl_crystal_grow.pdbx_pH_range   ? 
# 
loop_
_exptl_crystal_grow_comp.crystal_id 
_exptl_crystal_grow_comp.id 
_exptl_crystal_grow_comp.sol_id 
_exptl_crystal_grow_comp.name 
_exptl_crystal_grow_comp.volume 
_exptl_crystal_grow_comp.conc 
_exptl_crystal_grow_comp.details 
1 1 1 WATER           ? ? ? 
1 2 1 NETROPSIN       ? ? ? 
1 3 1 'NA CACODYLATE' ? ? ? 
1 4 1 '[CO(NH3)6]CL3' ? ? ? 
1 5 2 WATER           ? ? ? 
1 6 2 NETROPSIN       ? ? ? 
1 7 2 'NA CACODYLATE' ? ? ? 
1 8 2 '[CO(NH3)6]CL3' ? ? ? 
1 9 2 MPD             ? ? ? 
# 
_diffrn.id                     1 
_diffrn.ambient_temp           291.00 
_diffrn.ambient_temp_details   ? 
_diffrn.crystal_id             1 
# 
_diffrn_detector.diffrn_id              1 
_diffrn_detector.detector               'IMAGE PLATE' 
_diffrn_detector.type                   RIGAKU 
_diffrn_detector.pdbx_collection_date   ? 
_diffrn_detector.details                ? 
# 
_diffrn_radiation.diffrn_id                        1 
_diffrn_radiation.wavelength_id                    1 
_diffrn_radiation.pdbx_monochromatic_or_laue_m_l   M 
_diffrn_radiation.monochromator                    GRAPHITE 
_diffrn_radiation.pdbx_diffrn_protocol             'SINGLE WAVELENGTH' 
_diffrn_radiation.pdbx_scattering_type             x-ray 
# 
_diffrn_radiation_wavelength.id           1 
_diffrn_radiation_wavelength.wavelength   . 
_diffrn_radiation_wavelength.wt           1.0 
# 
_diffrn_source.diffrn_id                   1 
_diffrn_source.source                      'ROTATING ANODE' 
_diffrn_source.type                        RIGAKU 
_diffrn_source.pdbx_synchrotron_site       ? 
_diffrn_source.pdbx_synchrotron_beamline   ? 
_diffrn_source.pdbx_wavelength             ? 
_diffrn_source.pdbx_wavelength_list        ? 
# 
_reflns.entry_id                     474D 
_reflns.observed_criterion_sigma_I   1.400 
_reflns.observed_criterion_sigma_F   ? 
_reflns.d_resolution_low             15.000 
_reflns.d_resolution_high            2.400 
_reflns.number_obs                   8747 
_reflns.number_all                   ? 
_reflns.percent_possible_obs         73.000 
_reflns.pdbx_Rmerge_I_obs            0.045 
_reflns.pdbx_Rsym_value              ? 
_reflns.pdbx_netI_over_sigmaI        ? 
_reflns.B_iso_Wilson_estimate        ? 
_reflns.pdbx_redundancy              2.040 
_reflns.R_free_details               ? 
_reflns.pdbx_diffrn_id               1 
_reflns.pdbx_ordinal                 1 
# 
_refine.entry_id                                 474D 
_refine.ls_number_reflns_obs                     3883 
_refine.ls_number_reflns_all                     ? 
_refine.pdbx_ls_sigma_I                          ? 
_refine.pdbx_ls_sigma_F                          4.000 
_refine.pdbx_data_cutoff_high_absF               ? 
_refine.pdbx_data_cutoff_low_absF                ? 
_refine.ls_d_res_low                             8.000 
_refine.ls_d_res_high                            2.400 
_refine.ls_percent_reflns_obs                    73.000 
_refine.ls_R_factor_obs                          ? 
_refine.ls_R_factor_all                          ? 
_refine.ls_R_factor_R_work                       0.19 
_refine.ls_R_factor_R_free                       0.273 
_refine.ls_R_factor_R_free_error                 ? 
_refine.ls_R_factor_R_free_error_details         ? 
_refine.ls_percent_reflns_R_free                 5.00 
_refine.ls_number_reflns_R_free                  193 
_refine.ls_number_parameters                     ? 
_refine.ls_number_restraints                     ? 
_refine.occupancy_min                            ? 
_refine.occupancy_max                            ? 
_refine.B_iso_mean                               ? 
_refine.aniso_B[1][1]                            ? 
_refine.aniso_B[2][2]                            ? 
_refine.aniso_B[3][3]                            ? 
_refine.aniso_B[1][2]                            ? 
_refine.aniso_B[1][3]                            ? 
_refine.aniso_B[2][3]                            ? 
_refine.solvent_model_details                    ? 
_refine.solvent_model_param_ksol                 ? 
_refine.solvent_model_param_bsol                 ? 
_refine.pdbx_ls_cross_valid_method               ? 
_refine.details                                  ? 
_refine.pdbx_starting_model                      ? 
_refine.pdbx_method_to_determine_struct          ? 
_refine.pdbx_isotropic_thermal_model             ? 
_refine.pdbx_stereochemistry_target_values       ? 
_refine.pdbx_stereochem_target_val_spec_case     ? 
_refine.pdbx_R_Free_selection_details            ? 
_refine.overall_SU_B                             ? 
_refine.ls_redundancy_reflns_obs                 ? 
_refine.overall_SU_ML                            ? 
_refine.pdbx_overall_ESU_R                       ? 
_refine.pdbx_overall_ESU_R_Free                  ? 
_refine.pdbx_data_cutoff_high_rms_absF           ? 
_refine.correlation_coeff_Fo_to_Fc               ? 
_refine.correlation_coeff_Fo_to_Fc_free          ? 
_refine.overall_SU_R_Cruickshank_DPI             ? 
_refine.overall_SU_R_free                        ? 
_refine.pdbx_refine_id                           'X-RAY DIFFRACTION' 
_refine.pdbx_diffrn_id                           1 
_refine.pdbx_TLS_residual_ADP_flag               ? 
_refine.pdbx_solvent_vdw_probe_radii             ? 
_refine.pdbx_solvent_ion_probe_radii             ? 
_refine.pdbx_solvent_shrinkage_radii             ? 
_refine.pdbx_overall_phase_error                 ? 
_refine.pdbx_overall_SU_R_free_Cruickshank_DPI   ? 
_refine.pdbx_overall_SU_R_Blow_DPI               ? 
_refine.pdbx_overall_SU_R_free_Blow_DPI          ? 
# 
_refine_hist.pdbx_refine_id                   'X-RAY DIFFRACTION' 
_refine_hist.cycle_id                         LAST 
_refine_hist.pdbx_number_atoms_protein        0 
_refine_hist.pdbx_number_atoms_nucleic_acid   788 
_refine_hist.pdbx_number_atoms_ligand         128 
_refine_hist.number_atoms_solvent             38 
_refine_hist.number_atoms_total               954 
_refine_hist.d_res_high                       2.400 
_refine_hist.d_res_low                        8.000 
# 
loop_
_refine_ls_restr.type 
_refine_ls_restr.dev_ideal 
_refine_ls_restr.dev_ideal_target 
_refine_ls_restr.weight 
_refine_ls_restr.number 
_refine_ls_restr.pdbx_refine_id 
_refine_ls_restr.pdbx_restraint_function 
x_bond_d                0.014 ? ? ? 'X-RAY DIFFRACTION' ? 
x_bond_d_na             ?     ? ? ? 'X-RAY DIFFRACTION' ? 
x_bond_d_prot           ?     ? ? ? 'X-RAY DIFFRACTION' ? 
x_angle_d               ?     ? ? ? 'X-RAY DIFFRACTION' ? 
x_angle_d_na            ?     ? ? ? 'X-RAY DIFFRACTION' ? 
x_angle_d_prot          ?     ? ? ? 'X-RAY DIFFRACTION' ? 
x_angle_deg             2.60  ? ? ? 'X-RAY DIFFRACTION' ? 
x_angle_deg_na          ?     ? ? ? 'X-RAY DIFFRACTION' ? 
x_angle_deg_prot        ?     ? ? ? 'X-RAY DIFFRACTION' ? 
x_dihedral_angle_d      ?     ? ? ? 'X-RAY DIFFRACTION' ? 
x_dihedral_angle_d_na   ?     ? ? ? 'X-RAY DIFFRACTION' ? 
x_dihedral_angle_d_prot ?     ? ? ? 'X-RAY DIFFRACTION' ? 
x_improper_angle_d      ?     ? ? ? 'X-RAY DIFFRACTION' ? 
x_improper_angle_d_na   ?     ? ? ? 'X-RAY DIFFRACTION' ? 
x_improper_angle_d_prot ?     ? ? ? 'X-RAY DIFFRACTION' ? 
x_mcbond_it             ?     ? ? ? 'X-RAY DIFFRACTION' ? 
x_mcangle_it            ?     ? ? ? 'X-RAY DIFFRACTION' ? 
x_scbond_it             ?     ? ? ? 'X-RAY DIFFRACTION' ? 
x_scangle_it            ?     ? ? ? 'X-RAY DIFFRACTION' ? 
# 
_struct.entry_id                  474D 
_struct.title                     'A NOVEL END-TO-END BINDING OF TWO NETROPSINS TO THE DNA DECAMER D(CCCCCIIIII)2' 
_struct.pdbx_model_details        ? 
_struct.pdbx_CASP_flag            ? 
_struct.pdbx_model_type_details   ? 
# 
_struct_keywords.entry_id        474D 
_struct_keywords.pdbx_keywords   DNA 
_struct_keywords.text            
'B-DNA/RNA, DOUBLE HELIX, DOUBLE DRUG IN MINOR GROOVE, COMPLEXED WITH DRUG, MODIFIED, MISMATCHED, DNA' 
# 
loop_
_struct_asym.id 
_struct_asym.pdbx_blank_PDB_chainid_flag 
_struct_asym.pdbx_modified 
_struct_asym.entity_id 
_struct_asym.details 
A N N 1 ? 
B N N 1 ? 
C N N 1 ? 
D N N 1 ? 
E N N 2 ? 
F N N 2 ? 
G N N 2 ? 
H N N 2 ? 
I N N 3 ? 
J N N 3 ? 
K N N 3 ? 
L N N 3 ? 
# 
_struct_ref.id                         1 
_struct_ref.entity_id                  1 
_struct_ref.db_name                    PDB 
_struct_ref.db_code                    474D 
_struct_ref.pdbx_db_accession          474D 
_struct_ref.pdbx_db_isoform            ? 
_struct_ref.pdbx_seq_one_letter_code   ? 
_struct_ref.pdbx_align_begin           ? 
# 
loop_
_struct_ref_seq.align_id 
_struct_ref_seq.ref_id 
_struct_ref_seq.pdbx_PDB_id_code 
_struct_ref_seq.pdbx_strand_id 
_struct_ref_seq.seq_align_beg 
_struct_ref_seq.pdbx_seq_align_beg_ins_code 
_struct_ref_seq.seq_align_end 
_struct_ref_seq.pdbx_seq_align_end_ins_code 
_struct_ref_seq.pdbx_db_accession 
_struct_ref_seq.db_align_beg 
_struct_ref_seq.pdbx_db_align_beg_ins_code 
_struct_ref_seq.db_align_end 
_struct_ref_seq.pdbx_db_align_end_ins_code 
_struct_ref_seq.pdbx_auth_seq_align_beg 
_struct_ref_seq.pdbx_auth_seq_align_end 
1 1 474D A 1 ? 10 ? 474D 1  ? 10 ? 1  10 
2 1 474D B 1 ? 10 ? 474D 11 ? 20 ? 11 20 
3 1 474D C 1 ? 10 ? 474D 21 ? 30 ? 21 30 
4 1 474D D 1 ? 10 ? 474D 31 ? 40 ? 31 40 
# 
loop_
_pdbx_struct_assembly.id 
_pdbx_struct_assembly.details 
_pdbx_struct_assembly.method_details 
_pdbx_struct_assembly.oligomeric_details 
_pdbx_struct_assembly.oligomeric_count 
1 author_defined_assembly ? dimeric 2 
2 author_defined_assembly ? dimeric 2 
# 
loop_
_pdbx_struct_assembly_gen.assembly_id 
_pdbx_struct_assembly_gen.oper_expression 
_pdbx_struct_assembly_gen.asym_id_list 
1 1 A,B,E,F,I,J 
2 1 C,D,G,H,K,L 
# 
_pdbx_struct_oper_list.id                   1 
_pdbx_struct_oper_list.type                 'identity operation' 
_pdbx_struct_oper_list.name                 1_555 
_pdbx_struct_oper_list.symmetry_operation   x,y,z 
_pdbx_struct_oper_list.matrix[1][1]         1.0000000000 
_pdbx_struct_oper_list.matrix[1][2]         0.0000000000 
_pdbx_struct_oper_list.matrix[1][3]         0.0000000000 
_pdbx_struct_oper_list.vector[1]            0.0000000000 
_pdbx_struct_oper_list.matrix[2][1]         0.0000000000 
_pdbx_struct_oper_list.matrix[2][2]         1.0000000000 
_pdbx_struct_oper_list.matrix[2][3]         0.0000000000 
_pdbx_struct_oper_list.vector[2]            0.0000000000 
_pdbx_struct_oper_list.matrix[3][1]         0.0000000000 
_pdbx_struct_oper_list.matrix[3][2]         0.0000000000 
_pdbx_struct_oper_list.matrix[3][3]         1.0000000000 
_pdbx_struct_oper_list.vector[3]            0.0000000000 
# 
loop_
_struct_biol.id 
_struct_biol.pdbx_parent_biol_id 
_struct_biol.details 
1 ? ? 
2 ? ? 
# 
loop_
_struct_conn.id 
_struct_conn.conn_type_id 
_struct_conn.pdbx_leaving_atom_flag 
_struct_conn.pdbx_PDB_id 
_struct_conn.ptnr1_label_asym_id 
_struct_conn.ptnr1_label_comp_id 
_struct_conn.ptnr1_label_seq_id 
_struct_conn.ptnr1_label_atom_id 
_struct_conn.pdbx_ptnr1_label_alt_id 
_struct_conn.pdbx_ptnr1_PDB_ins_code 
_struct_conn.pdbx_ptnr1_standard_comp_id 
_struct_conn.ptnr1_symmetry 
_struct_conn.ptnr2_label_asym_id 
_struct_conn.ptnr2_label_comp_id 
_struct_conn.ptnr2_label_seq_id 
_struct_conn.ptnr2_label_atom_id 
_struct_conn.pdbx_ptnr2_label_alt_id 
_struct_conn.pdbx_ptnr2_PDB_ins_code 
_struct_conn.ptnr1_auth_asym_id 
_struct_conn.ptnr1_auth_comp_id 
_struct_conn.ptnr1_auth_seq_id 
_struct_conn.ptnr2_auth_asym_id 
_struct_conn.ptnr2_auth_comp_id 
_struct_conn.ptnr2_auth_seq_id 
_struct_conn.ptnr2_symmetry 
_struct_conn.pdbx_ptnr3_label_atom_id 
_struct_conn.pdbx_ptnr3_label_seq_id 
_struct_conn.pdbx_ptnr3_label_comp_id 
_struct_conn.pdbx_ptnr3_label_asym_id 
_struct_conn.pdbx_ptnr3_label_alt_id 
_struct_conn.pdbx_ptnr3_PDB_ins_code 
_struct_conn.details 
_struct_conn.pdbx_dist_value 
_struct_conn.pdbx_value_order 
_struct_conn.pdbx_role 
covale1 covale both ? A DC  3 "O3'" ? ? ? 1_555 A CBR 4 P ? ? A DC  3  A CBR 4  1_555 ? ? ? ? ? ? ? 1.604 ? ? 
covale2 covale both ? A CBR 4 "O3'" ? ? ? 1_555 A DC  5 P ? ? A CBR 4  A DC  5  1_555 ? ? ? ? ? ? ? 1.577 ? ? 
covale3 covale both ? B DC  3 "O3'" ? ? ? 1_555 B CBR 4 P ? ? B DC  13 B CBR 14 1_555 ? ? ? ? ? ? ? 1.615 ? ? 
covale4 covale both ? B CBR 4 "O3'" ? ? ? 1_555 B DC  5 P ? ? B CBR 14 B DC  15 1_555 ? ? ? ? ? ? ? 1.590 ? ? 
covale5 covale both ? C DC  3 "O3'" ? ? ? 1_555 C CBR 4 P ? ? C DC  23 C CBR 24 1_555 ? ? ? ? ? ? ? 1.604 ? ? 
covale6 covale both ? C CBR 4 "O3'" ? ? ? 1_555 C DC  5 P ? ? C CBR 24 C DC  25 1_555 ? ? ? ? ? ? ? 1.589 ? ? 
covale7 covale both ? D DC  3 "O3'" ? ? ? 1_555 D CBR 4 P ? ? D DC  33 D CBR 34 1_555 ? ? ? ? ? ? ? 1.586 ? ? 
covale8 covale both ? D CBR 4 "O3'" ? ? ? 1_555 D DC  5 P ? ? D CBR 34 D DC  35 1_555 ? ? ? ? ? ? ? 1.594 ? ? 
# 
_struct_conn_type.id          covale 
_struct_conn_type.criteria    ? 
_struct_conn_type.reference   ? 
# 
loop_
_struct_site.id 
_struct_site.pdbx_evidence_code 
_struct_site.pdbx_auth_asym_id 
_struct_site.pdbx_auth_comp_id 
_struct_site.pdbx_auth_seq_id 
_struct_site.pdbx_auth_ins_code 
_struct_site.pdbx_num_residues 
_struct_site.details 
AC1 Software A NT 41 ? 11 'BINDING SITE FOR RESIDUE NT A 41' 
AC2 Software A NT 42 ? 14 'BINDING SITE FOR RESIDUE NT A 42' 
AC3 Software C NT 43 ? 14 'BINDING SITE FOR RESIDUE NT C 43' 
AC4 Software C NT 44 ? 12 'BINDING SITE FOR RESIDUE NT C 44' 
1   ?        ? ?  ?  ? ?  ?                                  
# 
loop_
_struct_site_gen.id 
_struct_site_gen.site_id 
_struct_site_gen.pdbx_num_res 
_struct_site_gen.label_comp_id 
_struct_site_gen.label_asym_id 
_struct_site_gen.label_seq_id 
_struct_site_gen.pdbx_auth_ins_code 
_struct_site_gen.auth_comp_id 
_struct_site_gen.auth_asym_id 
_struct_site_gen.auth_seq_id 
_struct_site_gen.label_atom_id 
_struct_site_gen.label_alt_id 
_struct_site_gen.symmetry 
_struct_site_gen.details 
1  AC1 11 DC  A 1  ? DC  A 1  . ? 1_555 ? 
2  AC1 11 DC  A 2  ? DC  A 2  . ? 1_555 ? 
3  AC1 11 DC  A 3  ? DC  A 3  . ? 1_555 ? 
4  AC1 11 CBR A 4  ? CBR A 4  . ? 1_555 ? 
5  AC1 11 DC  A 5  ? DC  A 5  . ? 1_555 ? 
6  AC1 11 DI  A 6  ? DI  A 6  . ? 1_555 ? 
7  AC1 11 HOH I .  ? HOH A 61 . ? 1_555 ? 
8  AC1 11 DC  B 1  ? DC  B 11 . ? 1_455 ? 
9  AC1 11 DI  B 8  ? DI  B 18 . ? 1_555 ? 
10 AC1 11 DI  B 9  ? DI  B 19 . ? 1_555 ? 
11 AC1 11 DI  B 10 ? DI  B 20 . ? 1_555 ? 
12 AC2 14 DC  A 1  ? DC  A 1  . ? 1_655 ? 
13 AC2 14 DI  A 6  ? DI  A 6  . ? 1_555 ? 
14 AC2 14 DI  A 7  ? DI  A 7  . ? 1_555 ? 
15 AC2 14 DI  A 8  ? DI  A 8  . ? 1_555 ? 
16 AC2 14 DI  A 9  ? DI  A 9  . ? 1_555 ? 
17 AC2 14 DI  A 10 ? DI  A 10 . ? 1_555 ? 
18 AC2 14 HOH I .  ? HOH A 55 . ? 1_555 ? 
19 AC2 14 HOH I .  ? HOH A 61 . ? 1_555 ? 
20 AC2 14 HOH I .  ? HOH A 74 . ? 1_555 ? 
21 AC2 14 DC  B 2  ? DC  B 12 . ? 1_555 ? 
22 AC2 14 DC  B 3  ? DC  B 13 . ? 1_555 ? 
23 AC2 14 CBR B 4  ? CBR B 14 . ? 1_555 ? 
24 AC2 14 DC  B 5  ? DC  B 15 . ? 1_555 ? 
25 AC2 14 DI  B 6  ? DI  B 16 . ? 1_555 ? 
26 AC3 14 DC  C 1  ? DC  C 21 . ? 1_555 ? 
27 AC3 14 DC  C 2  ? DC  C 22 . ? 1_555 ? 
28 AC3 14 DC  C 3  ? DC  C 23 . ? 1_555 ? 
29 AC3 14 CBR C 4  ? CBR C 24 . ? 1_555 ? 
30 AC3 14 DC  C 5  ? DC  C 25 . ? 1_555 ? 
31 AC3 14 DI  C 6  ? DI  C 26 . ? 1_555 ? 
32 AC3 14 NT  H .  ? NT  C 44 . ? 1_565 ? 
33 AC3 14 HOH K .  ? HOH C 53 . ? 1_555 ? 
34 AC3 14 DC  D 1  ? DC  D 31 . ? 1_565 ? 
35 AC3 14 DI  D 6  ? DI  D 36 . ? 1_555 ? 
36 AC3 14 DI  D 7  ? DI  D 37 . ? 1_555 ? 
37 AC3 14 DI  D 8  ? DI  D 38 . ? 1_555 ? 
38 AC3 14 DI  D 9  ? DI  D 39 . ? 1_555 ? 
39 AC3 14 DI  D 10 ? DI  D 40 . ? 1_555 ? 
40 AC4 12 DC  C 1  ? DC  C 21 . ? 1_545 ? 
41 AC4 12 DI  C 6  ? DI  C 26 . ? 1_555 ? 
42 AC4 12 DI  C 7  ? DI  C 27 . ? 1_555 ? 
43 AC4 12 DI  C 8  ? DI  C 28 . ? 1_555 ? 
44 AC4 12 DI  C 9  ? DI  C 29 . ? 1_555 ? 
45 AC4 12 DI  C 10 ? DI  C 30 . ? 1_555 ? 
46 AC4 12 NT  G .  ? NT  C 43 . ? 1_545 ? 
47 AC4 12 DC  D 2  ? DC  D 32 . ? 1_555 ? 
48 AC4 12 DC  D 3  ? DC  D 33 . ? 1_555 ? 
49 AC4 12 CBR D 4  ? CBR D 34 . ? 1_555 ? 
50 AC4 12 DC  D 5  ? DC  D 35 . ? 1_555 ? 
51 AC4 12 DI  D 6  ? DI  D 36 . ? 1_555 ? 
# 
_pdbx_validate_rmsd_angle.id                         1 
_pdbx_validate_rmsd_angle.PDB_model_num              1 
_pdbx_validate_rmsd_angle.auth_atom_id_1             "O5'" 
_pdbx_validate_rmsd_angle.auth_asym_id_1             C 
_pdbx_validate_rmsd_angle.auth_comp_id_1             DC 
_pdbx_validate_rmsd_angle.auth_seq_id_1              21 
_pdbx_validate_rmsd_angle.PDB_ins_code_1             ? 
_pdbx_validate_rmsd_angle.label_alt_id_1             ? 
_pdbx_validate_rmsd_angle.auth_atom_id_2             "C5'" 
_pdbx_validate_rmsd_angle.auth_asym_id_2             C 
_pdbx_validate_rmsd_angle.auth_comp_id_2             DC 
_pdbx_validate_rmsd_angle.auth_seq_id_2              21 
_pdbx_validate_rmsd_angle.PDB_ins_code_2             ? 
_pdbx_validate_rmsd_angle.label_alt_id_2             ? 
_pdbx_validate_rmsd_angle.auth_atom_id_3             "C4'" 
_pdbx_validate_rmsd_angle.auth_asym_id_3             C 
_pdbx_validate_rmsd_angle.auth_comp_id_3             DC 
_pdbx_validate_rmsd_angle.auth_seq_id_3              21 
_pdbx_validate_rmsd_angle.PDB_ins_code_3             ? 
_pdbx_validate_rmsd_angle.label_alt_id_3             ? 
_pdbx_validate_rmsd_angle.angle_value                97.07 
_pdbx_validate_rmsd_angle.angle_target_value         109.40 
_pdbx_validate_rmsd_angle.angle_deviation            -12.33 
_pdbx_validate_rmsd_angle.angle_standard_deviation   0.80 
_pdbx_validate_rmsd_angle.linker_flag                N 
# 
loop_
_pdbx_validate_planes.id 
_pdbx_validate_planes.PDB_model_num 
_pdbx_validate_planes.auth_comp_id 
_pdbx_validate_planes.auth_asym_id 
_pdbx_validate_planes.auth_seq_id 
_pdbx_validate_planes.PDB_ins_code 
_pdbx_validate_planes.label_alt_id 
_pdbx_validate_planes.rmsd 
_pdbx_validate_planes.type 
1 1 DC A 1  ? ? 0.086 'SIDE CHAIN' 
2 1 DC D 31 ? ? 0.072 'SIDE CHAIN' 
# 
loop_
_pdbx_struct_mod_residue.id 
_pdbx_struct_mod_residue.label_asym_id 
_pdbx_struct_mod_residue.label_comp_id 
_pdbx_struct_mod_residue.label_seq_id 
_pdbx_struct_mod_residue.auth_asym_id 
_pdbx_struct_mod_residue.auth_comp_id 
_pdbx_struct_mod_residue.auth_seq_id 
_pdbx_struct_mod_residue.PDB_ins_code 
_pdbx_struct_mod_residue.parent_comp_id 
_pdbx_struct_mod_residue.details 
1 A CBR 4 A CBR 4  ? DC ? 
2 B CBR 4 B CBR 14 ? DC ? 
3 C CBR 4 C CBR 24 ? DC ? 
4 D CBR 4 D CBR 34 ? DC ? 
# 
_struct_site_keywords.site_id   1 
_struct_site_keywords.text      'MINOR GROOVE BINDER' 
# 
loop_
_chem_comp_atom.comp_id 
_chem_comp_atom.atom_id 
_chem_comp_atom.type_symbol 
_chem_comp_atom.pdbx_aromatic_flag 
_chem_comp_atom.pdbx_stereo_config 
_chem_comp_atom.pdbx_ordinal 
CBR BR     BR N N 1   
CBR P      P  N N 2   
CBR OP1    O  N N 3   
CBR OP2    O  N N 4   
CBR "O5'"  O  N N 5   
CBR N1     N  N N 6   
CBR C6     C  N N 7   
CBR C2     C  N N 8   
CBR O2     O  N N 9   
CBR N3     N  N N 10  
CBR C4     C  N N 11  
CBR N4     N  N N 12  
CBR C5     C  N N 13  
CBR "C2'"  C  N N 14  
CBR "C5'"  C  N N 15  
CBR "C4'"  C  N R 16  
CBR "O4'"  O  N N 17  
CBR "C1'"  C  N R 18  
CBR "C3'"  C  N S 19  
CBR "O3'"  O  N N 20  
CBR OP3    O  N N 21  
CBR HOP2   H  N N 22  
CBR H6     H  N N 23  
CBR H41    H  N N 24  
CBR H42    H  N N 25  
CBR "H2'"  H  N N 26  
CBR "H2''" H  N N 27  
CBR "H5'"  H  N N 28  
CBR "H5''" H  N N 29  
CBR "H4'"  H  N N 30  
CBR "H1'"  H  N N 31  
CBR "H3'"  H  N N 32  
CBR "HO3'" H  N N 33  
CBR HOP3   H  N N 34  
DC  OP3    O  N N 35  
DC  P      P  N N 36  
DC  OP1    O  N N 37  
DC  OP2    O  N N 38  
DC  "O5'"  O  N N 39  
DC  "C5'"  C  N N 40  
DC  "C4'"  C  N R 41  
DC  "O4'"  O  N N 42  
DC  "C3'"  C  N S 43  
DC  "O3'"  O  N N 44  
DC  "C2'"  C  N N 45  
DC  "C1'"  C  N R 46  
DC  N1     N  N N 47  
DC  C2     C  N N 48  
DC  O2     O  N N 49  
DC  N3     N  N N 50  
DC  C4     C  N N 51  
DC  N4     N  N N 52  
DC  C5     C  N N 53  
DC  C6     C  N N 54  
DC  HOP3   H  N N 55  
DC  HOP2   H  N N 56  
DC  "H5'"  H  N N 57  
DC  "H5''" H  N N 58  
DC  "H4'"  H  N N 59  
DC  "H3'"  H  N N 60  
DC  "HO3'" H  N N 61  
DC  "H2'"  H  N N 62  
DC  "H2''" H  N N 63  
DC  "H1'"  H  N N 64  
DC  H41    H  N N 65  
DC  H42    H  N N 66  
DC  H5     H  N N 67  
DC  H6     H  N N 68  
DI  OP3    O  N N 69  
DI  P      P  N N 70  
DI  OP1    O  N N 71  
DI  OP2    O  N N 72  
DI  "O5'"  O  N N 73  
DI  "C5'"  C  N N 74  
DI  "C4'"  C  N R 75  
DI  "O4'"  O  N N 76  
DI  "C3'"  C  N S 77  
DI  "O3'"  O  N N 78  
DI  "C2'"  C  N N 79  
DI  "C1'"  C  N R 80  
DI  N9     N  Y N 81  
DI  C8     C  Y N 82  
DI  N7     N  Y N 83  
DI  C5     C  Y N 84  
DI  C6     C  N N 85  
DI  O6     O  N N 86  
DI  N1     N  N N 87  
DI  C2     C  N N 88  
DI  N3     N  N N 89  
DI  C4     C  Y N 90  
DI  HOP3   H  N N 91  
DI  HOP2   H  N N 92  
DI  "H5'"  H  N N 93  
DI  "H5''" H  N N 94  
DI  "H4'"  H  N N 95  
DI  "H3'"  H  N N 96  
DI  "HO3'" H  N N 97  
DI  "H2'"  H  N N 98  
DI  "H2''" H  N N 99  
DI  "H1'"  H  N N 100 
DI  H8     H  N N 101 
DI  H1     H  N N 102 
DI  H2     H  N N 103 
HOH O      O  N N 104 
HOH H1     H  N N 105 
HOH H2     H  N N 106 
NT  C1     C  N N 107 
NT  N1     N  N N 108 
NT  N2     N  N N 109 
NT  N3     N  N N 110 
NT  C2     C  N N 111 
NT  C3     C  N N 112 
NT  O1     O  N N 113 
NT  N4     N  N N 114 
NT  C4     C  Y N 115 
NT  C5     C  Y N 116 
NT  C6     C  Y N 117 
NT  N5     N  Y N 118 
NT  C8     C  N N 119 
NT  C7     C  Y N 120 
NT  C9     C  N N 121 
NT  O2     O  N N 122 
NT  N6     N  N N 123 
NT  C10    C  Y N 124 
NT  C11    C  Y N 125 
NT  C12    C  Y N 126 
NT  N7     N  Y N 127 
NT  C14    C  N N 128 
NT  C13    C  Y N 129 
NT  C15    C  N N 130 
NT  O3     O  N N 131 
NT  N8     N  N N 132 
NT  C16    C  N N 133 
NT  C17    C  N N 134 
NT  C18    C  N N 135 
NT  N9     N  N N 136 
NT  N10    N  N N 137 
NT  HN1    H  N N 138 
NT  HN21   H  N N 139 
NT  HN22   H  N N 140 
NT  HN3    H  N N 141 
NT  H21    H  N N 142 
NT  H22    H  N N 143 
NT  HN4    H  N N 144 
NT  H5     H  N N 145 
NT  H81    H  N N 146 
NT  H82    H  N N 147 
NT  H83    H  N N 148 
NT  H7     H  N N 149 
NT  HN6    H  N N 150 
NT  H11    H  N N 151 
NT  H141   H  N N 152 
NT  H142   H  N N 153 
NT  H143   H  N N 154 
NT  H13    H  N N 155 
NT  HN8    H  N N 156 
NT  H161   H  N N 157 
NT  H162   H  N N 158 
NT  H171   H  N N 159 
NT  H172   H  N N 160 
NT  HN9    H  N N 161 
NT  HN01   H  N N 162 
NT  HN02   H  N N 163 
# 
loop_
_chem_comp_bond.comp_id 
_chem_comp_bond.atom_id_1 
_chem_comp_bond.atom_id_2 
_chem_comp_bond.value_order 
_chem_comp_bond.pdbx_aromatic_flag 
_chem_comp_bond.pdbx_stereo_config 
_chem_comp_bond.pdbx_ordinal 
CBR BR    C5     sing N N 1   
CBR P     OP1    doub N N 2   
CBR P     OP2    sing N N 3   
CBR P     "O5'"  sing N N 4   
CBR P     OP3    sing N N 5   
CBR OP2   HOP2   sing N N 6   
CBR "O5'" "C5'"  sing N N 7   
CBR N1    C6     sing N N 8   
CBR N1    C2     sing N N 9   
CBR N1    "C1'"  sing N N 10  
CBR C6    C5     doub N N 11  
CBR C6    H6     sing N N 12  
CBR C2    O2     doub N N 13  
CBR C2    N3     sing N N 14  
CBR N3    C4     doub N N 15  
CBR C4    N4     sing N N 16  
CBR C4    C5     sing N N 17  
CBR N4    H41    sing N N 18  
CBR N4    H42    sing N N 19  
CBR "C2'" "C1'"  sing N N 20  
CBR "C2'" "C3'"  sing N N 21  
CBR "C2'" "H2'"  sing N N 22  
CBR "C2'" "H2''" sing N N 23  
CBR "C5'" "C4'"  sing N N 24  
CBR "C5'" "H5'"  sing N N 25  
CBR "C5'" "H5''" sing N N 26  
CBR "C4'" "O4'"  sing N N 27  
CBR "C4'" "C3'"  sing N N 28  
CBR "C4'" "H4'"  sing N N 29  
CBR "O4'" "C1'"  sing N N 30  
CBR "C1'" "H1'"  sing N N 31  
CBR "C3'" "O3'"  sing N N 32  
CBR "C3'" "H3'"  sing N N 33  
CBR "O3'" "HO3'" sing N N 34  
CBR OP3   HOP3   sing N N 35  
DC  OP3   P      sing N N 36  
DC  OP3   HOP3   sing N N 37  
DC  P     OP1    doub N N 38  
DC  P     OP2    sing N N 39  
DC  P     "O5'"  sing N N 40  
DC  OP2   HOP2   sing N N 41  
DC  "O5'" "C5'"  sing N N 42  
DC  "C5'" "C4'"  sing N N 43  
DC  "C5'" "H5'"  sing N N 44  
DC  "C5'" "H5''" sing N N 45  
DC  "C4'" "O4'"  sing N N 46  
DC  "C4'" "C3'"  sing N N 47  
DC  "C4'" "H4'"  sing N N 48  
DC  "O4'" "C1'"  sing N N 49  
DC  "C3'" "O3'"  sing N N 50  
DC  "C3'" "C2'"  sing N N 51  
DC  "C3'" "H3'"  sing N N 52  
DC  "O3'" "HO3'" sing N N 53  
DC  "C2'" "C1'"  sing N N 54  
DC  "C2'" "H2'"  sing N N 55  
DC  "C2'" "H2''" sing N N 56  
DC  "C1'" N1     sing N N 57  
DC  "C1'" "H1'"  sing N N 58  
DC  N1    C2     sing N N 59  
DC  N1    C6     sing N N 60  
DC  C2    O2     doub N N 61  
DC  C2    N3     sing N N 62  
DC  N3    C4     doub N N 63  
DC  C4    N4     sing N N 64  
DC  C4    C5     sing N N 65  
DC  N4    H41    sing N N 66  
DC  N4    H42    sing N N 67  
DC  C5    C6     doub N N 68  
DC  C5    H5     sing N N 69  
DC  C6    H6     sing N N 70  
DI  OP3   P      sing N N 71  
DI  OP3   HOP3   sing N N 72  
DI  P     OP1    doub N N 73  
DI  P     OP2    sing N N 74  
DI  P     "O5'"  sing N N 75  
DI  OP2   HOP2   sing N N 76  
DI  "O5'" "C5'"  sing N N 77  
DI  "C5'" "C4'"  sing N N 78  
DI  "C5'" "H5'"  sing N N 79  
DI  "C5'" "H5''" sing N N 80  
DI  "C4'" "O4'"  sing N N 81  
DI  "C4'" "C3'"  sing N N 82  
DI  "C4'" "H4'"  sing N N 83  
DI  "O4'" "C1'"  sing N N 84  
DI  "C3'" "O3'"  sing N N 85  
DI  "C3'" "C2'"  sing N N 86  
DI  "C3'" "H3'"  sing N N 87  
DI  "O3'" "HO3'" sing N N 88  
DI  "C2'" "C1'"  sing N N 89  
DI  "C2'" "H2'"  sing N N 90  
DI  "C2'" "H2''" sing N N 91  
DI  "C1'" N9     sing N N 92  
DI  "C1'" "H1'"  sing N N 93  
DI  N9    C8     sing Y N 94  
DI  N9    C4     sing Y N 95  
DI  C8    N7     doub Y N 96  
DI  C8    H8     sing N N 97  
DI  N7    C5     sing Y N 98  
DI  C5    C6     sing N N 99  
DI  C5    C4     doub Y N 100 
DI  C6    O6     doub N N 101 
DI  C6    N1     sing N N 102 
DI  N1    C2     sing N N 103 
DI  N1    H1     sing N N 104 
DI  C2    N3     doub N N 105 
DI  C2    H2     sing N N 106 
DI  N3    C4     sing N N 107 
HOH O     H1     sing N N 108 
HOH O     H2     sing N N 109 
NT  C1    N1     doub N N 110 
NT  C1    N2     sing N N 111 
NT  C1    N3     sing N N 112 
NT  N1    HN1    sing N N 113 
NT  N2    HN21   sing N N 114 
NT  N2    HN22   sing N N 115 
NT  N3    C2     sing N N 116 
NT  N3    HN3    sing N N 117 
NT  C2    C3     sing N N 118 
NT  C2    H21    sing N N 119 
NT  C2    H22    sing N N 120 
NT  C3    O1     doub N N 121 
NT  C3    N4     sing N N 122 
NT  N4    C4     sing N N 123 
NT  N4    HN4    sing N N 124 
NT  C4    C5     sing Y N 125 
NT  C4    C7     doub Y N 126 
NT  C5    C6     doub Y N 127 
NT  C5    H5     sing N N 128 
NT  C6    N5     sing Y N 129 
NT  C6    C9     sing N N 130 
NT  N5    C8     sing N N 131 
NT  N5    C7     sing Y N 132 
NT  C8    H81    sing N N 133 
NT  C8    H82    sing N N 134 
NT  C8    H83    sing N N 135 
NT  C7    H7     sing N N 136 
NT  C9    O2     doub N N 137 
NT  C9    N6     sing N N 138 
NT  N6    C10    sing N N 139 
NT  N6    HN6    sing N N 140 
NT  C10   C11    sing Y N 141 
NT  C10   C13    doub Y N 142 
NT  C11   C12    doub Y N 143 
NT  C11   H11    sing N N 144 
NT  C12   N7     sing Y N 145 
NT  C12   C15    sing N N 146 
NT  N7    C14    sing N N 147 
NT  N7    C13    sing Y N 148 
NT  C14   H141   sing N N 149 
NT  C14   H142   sing N N 150 
NT  C14   H143   sing N N 151 
NT  C13   H13    sing N N 152 
NT  C15   O3     doub N N 153 
NT  C15   N8     sing N N 154 
NT  N8    C16    sing N N 155 
NT  N8    HN8    sing N N 156 
NT  C16   C17    sing N N 157 
NT  C16   H161   sing N N 158 
NT  C16   H162   sing N N 159 
NT  C17   C18    sing N N 160 
NT  C17   H171   sing N N 161 
NT  C17   H172   sing N N 162 
NT  C18   N9     doub N N 163 
NT  C18   N10    sing N N 164 
NT  N9    HN9    sing N N 165 
NT  N10   HN01   sing N N 166 
NT  N10   HN02   sing N N 167 
# 
_atom_sites.entry_id                    474D 
_atom_sites.fract_transf_matrix[1][1]   -0.00090673 
_atom_sites.fract_transf_matrix[1][2]   -0.02386745 
_atom_sites.fract_transf_matrix[1][3]   0.02265515 
_atom_sites.fract_transf_matrix[2][1]   -0.00316493 
_atom_sites.fract_transf_matrix[2][2]   -0.01241030 
_atom_sites.fract_transf_matrix[2][3]   -0.03012151 
_atom_sites.fract_transf_matrix[3][1]   0.02660387 
_atom_sites.fract_transf_matrix[3][2]   0.00017102 
_atom_sites.fract_transf_matrix[3][3]   -0.00179641 
_atom_sites.fract_transf_vector[1]      0.155292 
_atom_sites.fract_transf_vector[2]      0.174422 
_atom_sites.fract_transf_vector[3]      0.242632 
# 
loop_
_atom_type.symbol 
BR 
C  
N  
O  
P  
# 
loop_
_atom_site.group_PDB 
_atom_site.id 
_atom_site.type_symbol 
_atom_site.label_atom_id 
_atom_site.label_alt_id 
_atom_site.label_comp_id 
_atom_site.label_asym_id 
_atom_site.label_entity_id 
_atom_site.label_seq_id 
_atom_site.pdbx_PDB_ins_code 
_atom_site.Cartn_x 
_atom_site.Cartn_y 
_atom_site.Cartn_z 
_atom_site.occupancy 
_atom_site.B_iso_or_equiv 
_atom_site.pdbx_formal_charge 
_atom_site.auth_seq_id 
_atom_site.auth_comp_id 
_atom_site.auth_asym_id 
_atom_site.auth_atom_id 
_atom_site.pdbx_PDB_model_num 
ATOM   1   O  "O5'" . DC  A 1 1  ? -1.413  12.367  1.507   1.00 34.70 ? 1  DC  A "O5'" 1 
ATOM   2   C  "C5'" . DC  A 1 1  ? -0.819  13.646  1.812   1.00 32.51 ? 1  DC  A "C5'" 1 
ATOM   3   C  "C4'" . DC  A 1 1  ? -1.463  14.226  3.045   1.00 30.48 ? 1  DC  A "C4'" 1 
ATOM   4   O  "O4'" . DC  A 1 1  ? -2.797  14.649  2.682   1.00 28.40 ? 1  DC  A "O4'" 1 
ATOM   5   C  "C3'" . DC  A 1 1  ? -1.626  13.153  4.103   1.00 30.63 ? 1  DC  A "C3'" 1 
ATOM   6   O  "O3'" . DC  A 1 1  ? -1.148  13.506  5.386   1.00 32.64 ? 1  DC  A "O3'" 1 
ATOM   7   C  "C2'" . DC  A 1 1  ? -3.116  12.908  4.170   1.00 29.72 ? 1  DC  A "C2'" 1 
ATOM   8   C  "C1'" . DC  A 1 1  ? -3.769  14.090  3.522   1.00 26.68 ? 1  DC  A "C1'" 1 
ATOM   9   N  N1    . DC  A 1 1  ? -4.813  13.541  2.680   1.00 24.81 ? 1  DC  A N1    1 
ATOM   10  C  C2    . DC  A 1 1  ? -6.100  13.503  3.147   1.00 23.69 ? 1  DC  A C2    1 
ATOM   11  O  O2    . DC  A 1 1  ? -6.363  14.107  4.170   1.00 25.33 ? 1  DC  A O2    1 
ATOM   12  N  N3    . DC  A 1 1  ? -7.035  12.816  2.468   1.00 22.13 ? 1  DC  A N3    1 
ATOM   13  C  C4    . DC  A 1 1  ? -6.707  12.214  1.322   1.00 22.11 ? 1  DC  A C4    1 
ATOM   14  N  N4    . DC  A 1 1  ? -7.623  11.483  0.703   1.00 20.98 ? 1  DC  A N4    1 
ATOM   15  C  C5    . DC  A 1 1  ? -5.419  12.327  0.767   1.00 21.97 ? 1  DC  A C5    1 
ATOM   16  C  C6    . DC  A 1 1  ? -4.504  12.999  1.472   1.00 23.88 ? 1  DC  A C6    1 
ATOM   17  P  P     . DC  A 1 2  ? -0.959  12.334  6.465   1.00 34.09 ? 2  DC  A P     1 
ATOM   18  O  OP1   . DC  A 1 2  ? 0.133   12.624  7.438   1.00 33.20 ? 2  DC  A OP1   1 
ATOM   19  O  OP2   . DC  A 1 2  ? -0.963  11.071  5.679   1.00 35.04 ? 2  DC  A OP2   1 
ATOM   20  O  "O5'" . DC  A 1 2  ? -2.341  12.277  7.227   1.00 32.82 ? 2  DC  A "O5'" 1 
ATOM   21  C  "C5'" . DC  A 1 2  ? -2.762  13.399  7.961   1.00 30.59 ? 2  DC  A "C5'" 1 
ATOM   22  C  "C4'" . DC  A 1 2  ? -4.118  13.138  8.538   1.00 28.43 ? 2  DC  A "C4'" 1 
ATOM   23  O  "O4'" . DC  A 1 2  ? -5.000  12.813  7.456   1.00 27.57 ? 2  DC  A "O4'" 1 
ATOM   24  C  "C3'" . DC  A 1 2  ? -4.188  11.967  9.479   1.00 28.97 ? 2  DC  A "C3'" 1 
ATOM   25  O  "O3'" . DC  A 1 2  ? -4.874  12.442  10.589  1.00 32.63 ? 2  DC  A "O3'" 1 
ATOM   26  C  "C2'" . DC  A 1 2  ? -5.018  10.928  8.735   1.00 27.51 ? 2  DC  A "C2'" 1 
ATOM   27  C  "C1'" . DC  A 1 2  ? -5.845  11.750  7.792   1.00 24.96 ? 2  DC  A "C1'" 1 
ATOM   28  N  N1    . DC  A 1 2  ? -6.181  11.111  6.538   1.00 22.84 ? 2  DC  A N1    1 
ATOM   29  C  C2    . DC  A 1 2  ? -7.508  10.924  6.175   1.00 23.79 ? 2  DC  A C2    1 
ATOM   30  O  O2    . DC  A 1 2  ? -8.434  11.258  6.965   1.00 23.67 ? 2  DC  A O2    1 
ATOM   31  N  N3    . DC  A 1 2  ? -7.768  10.366  4.959   1.00 23.77 ? 2  DC  A N3    1 
ATOM   32  C  C4    . DC  A 1 2  ? -6.760  9.991   4.160   1.00 22.41 ? 2  DC  A C4    1 
ATOM   33  N  N4    . DC  A 1 2  ? -7.049  9.417   3.010   1.00 21.24 ? 2  DC  A N4    1 
ATOM   34  C  C5    . DC  A 1 2  ? -5.424  10.178  4.521   1.00 21.39 ? 2  DC  A C5    1 
ATOM   35  C  C6    . DC  A 1 2  ? -5.181  10.730  5.706   1.00 22.07 ? 2  DC  A C6    1 
ATOM   36  P  P     . DC  A 1 3  ? -5.079  11.490  11.833  1.00 37.29 ? 3  DC  A P     1 
ATOM   37  O  OP1   . DC  A 1 3  ? -5.056  12.406  13.014  1.00 38.21 ? 3  DC  A OP1   1 
ATOM   38  O  OP2   . DC  A 1 3  ? -4.131  10.318  11.752  1.00 38.60 ? 3  DC  A OP2   1 
ATOM   39  O  "O5'" . DC  A 1 3  ? -6.528  10.877  11.616  1.00 36.00 ? 3  DC  A "O5'" 1 
ATOM   40  C  "C5'" . DC  A 1 3  ? -7.648  11.711  11.629  1.00 33.41 ? 3  DC  A "C5'" 1 
ATOM   41  C  "C4'" . DC  A 1 3  ? -8.863  10.891  11.307  1.00 31.89 ? 3  DC  A "C4'" 1 
ATOM   42  O  "O4'" . DC  A 1 3  ? -8.739  10.386  9.959   1.00 30.31 ? 3  DC  A "O4'" 1 
ATOM   43  C  "C3'" . DC  A 1 3  ? -9.018  9.670   12.201  1.00 31.47 ? 3  DC  A "C3'" 1 
ATOM   44  O  "O3'" . DC  A 1 3  ? -10.398 9.543   12.507  1.00 34.68 ? 3  DC  A "O3'" 1 
ATOM   45  C  "C2'" . DC  A 1 3  ? -8.591  8.540   11.293  1.00 29.46 ? 3  DC  A "C2'" 1 
ATOM   46  C  "C1'" . DC  A 1 3  ? -9.084  9.025   9.961   1.00 27.19 ? 3  DC  A "C1'" 1 
ATOM   47  N  N1    . DC  A 1 3  ? -8.503  8.409   8.759   1.00 24.04 ? 3  DC  A N1    1 
ATOM   48  C  C2    . DC  A 1 3  ? -9.364  7.970   7.757   1.00 23.03 ? 3  DC  A C2    1 
ATOM   49  O  O2    . DC  A 1 3  ? -10.575 8.105   7.910   1.00 24.54 ? 3  DC  A O2    1 
ATOM   50  N  N3    . DC  A 1 3  ? -8.870  7.412   6.641   1.00 20.57 ? 3  DC  A N3    1 
ATOM   51  C  C4    . DC  A 1 3  ? -7.564  7.303   6.494   1.00 20.45 ? 3  DC  A C4    1 
ATOM   52  N  N4    . DC  A 1 3  ? -7.147  6.819   5.375   1.00 20.41 ? 3  DC  A N4    1 
ATOM   53  C  C5    . DC  A 1 3  ? -6.639  7.724   7.502   1.00 20.36 ? 3  DC  A C5    1 
ATOM   54  C  C6    . DC  A 1 3  ? -7.148  8.268   8.613   1.00 22.73 ? 3  DC  A C6    1 
HETATM 55  BR BR    . CBR A 1 4  ? -7.207  4.957   10.576  1.00 46.82 ? 4  CBR A BR    1 
HETATM 56  P  P     . CBR A 1 4  ? -10.862 8.712   13.799  1.00 37.60 ? 4  CBR A P     1 
HETATM 57  O  OP1   . CBR A 1 4  ? -11.672 9.584   14.663  1.00 38.83 ? 4  CBR A OP1   1 
HETATM 58  O  OP2   . CBR A 1 4  ? -9.688  8.005   14.374  1.00 39.10 ? 4  CBR A OP2   1 
HETATM 59  O  "O5'" . CBR A 1 4  ? -11.846 7.666   13.155  1.00 36.90 ? 4  CBR A "O5'" 1 
HETATM 60  N  N1    . CBR A 1 4  ? -11.122 4.936   9.515   1.00 34.77 ? 4  CBR A N1    1 
HETATM 61  C  C6    . CBR A 1 4  ? -9.963  5.009   10.208  1.00 36.22 ? 4  CBR A C6    1 
HETATM 62  C  C2    . CBR A 1 4  ? -11.113 4.566   8.158   1.00 34.76 ? 4  CBR A C2    1 
HETATM 63  O  O2    . CBR A 1 4  ? -12.174 4.468   7.552   1.00 34.44 ? 4  CBR A O2    1 
HETATM 64  N  N3    . CBR A 1 4  ? -9.932  4.324   7.549   1.00 34.70 ? 4  CBR A N3    1 
HETATM 65  C  C4    . CBR A 1 4  ? -8.801  4.467   8.240   1.00 36.58 ? 4  CBR A C4    1 
HETATM 66  N  N4    . CBR A 1 4  ? -7.645  4.319   7.606   1.00 35.96 ? 4  CBR A N4    1 
HETATM 67  C  C5    . CBR A 1 4  ? -8.806  4.794   9.613   1.00 37.36 ? 4  CBR A C5    1 
HETATM 68  C  "C2'" . CBR A 1 4  ? -12.554 4.792   11.604  1.00 36.37 ? 4  CBR A "C2'" 1 
HETATM 69  C  "C5'" . CBR A 1 4  ? -12.806 8.147   12.272  1.00 36.80 ? 4  CBR A "C5'" 1 
HETATM 70  C  "C4'" . CBR A 1 4  ? -13.299 7.034   11.398  1.00 36.68 ? 4  CBR A "C4'" 1 
HETATM 71  O  "O4'" . CBR A 1 4  ? -12.422 6.685   10.305  1.00 36.26 ? 4  CBR A "O4'" 1 
HETATM 72  C  "C1'" . CBR A 1 4  ? -12.387 5.287   10.176  1.00 35.63 ? 4  CBR A "C1'" 1 
HETATM 73  C  "C3'" . CBR A 1 4  ? -13.582 5.764   12.160  1.00 36.51 ? 4  CBR A "C3'" 1 
HETATM 74  O  "O3'" . CBR A 1 4  ? -14.893 5.438   11.764  1.00 37.77 ? 4  CBR A "O3'" 1 
ATOM   75  P  P     . DC  A 1 5  ? -15.657 4.248   12.464  1.00 38.36 ? 5  DC  A P     1 
ATOM   76  O  OP1   . DC  A 1 5  ? -17.078 4.666   12.561  1.00 38.90 ? 5  DC  A OP1   1 
ATOM   77  O  OP2   . DC  A 1 5  ? -14.901 3.861   13.678  1.00 38.55 ? 5  DC  A OP2   1 
ATOM   78  O  "O5'" . DC  A 1 5  ? -15.634 3.179   11.310  1.00 37.28 ? 5  DC  A "O5'" 1 
ATOM   79  C  "C5'" . DC  A 1 5  ? -16.268 3.547   10.093  1.00 37.30 ? 5  DC  A "C5'" 1 
ATOM   80  C  "C4'" . DC  A 1 5  ? -16.141 2.428   9.110   1.00 36.65 ? 5  DC  A "C4'" 1 
ATOM   81  O  "O4'" . DC  A 1 5  ? -14.785 2.312   8.630   1.00 35.18 ? 5  DC  A "O4'" 1 
ATOM   82  C  "C3'" . DC  A 1 5  ? -16.430 1.150   9.853   1.00 37.65 ? 5  DC  A "C3'" 1 
ATOM   83  O  "O3'" . DC  A 1 5  ? -16.982 0.273   8.895   1.00 40.97 ? 5  DC  A "O3'" 1 
ATOM   84  C  "C2'" . DC  A 1 5  ? -15.040 0.729   10.286  1.00 36.02 ? 5  DC  A "C2'" 1 
ATOM   85  C  "C1'" . DC  A 1 5  ? -14.267 1.074   9.034   1.00 33.77 ? 5  DC  A "C1'" 1 
ATOM   86  N  N1    . DC  A 1 5  ? -12.804 1.185   9.147   1.00 30.95 ? 5  DC  A N1    1 
ATOM   87  C  C2    . DC  A 1 5  ? -12.013 0.869   8.036   1.00 29.99 ? 5  DC  A C2    1 
ATOM   88  O  O2    . DC  A 1 5  ? -12.580 0.568   6.949   1.00 30.76 ? 5  DC  A O2    1 
ATOM   89  N  N3    . DC  A 1 5  ? -10.663 0.901   8.148   1.00 27.43 ? 5  DC  A N3    1 
ATOM   90  C  C4    . DC  A 1 5  ? -10.102 1.246   9.297   1.00 27.63 ? 5  DC  A C4    1 
ATOM   91  N  N4    . DC  A 1 5  ? -8.785  1.246   9.360   1.00 28.53 ? 5  DC  A N4    1 
ATOM   92  C  C5    . DC  A 1 5  ? -10.873 1.606   10.442  1.00 28.55 ? 5  DC  A C5    1 
ATOM   93  C  C6    . DC  A 1 5  ? -12.217 1.559   10.321  1.00 30.27 ? 5  DC  A C6    1 
ATOM   94  P  P     . DI  A 1 6  ? -18.051 -0.838  9.342   1.00 43.74 ? 6  DI  A P     1 
ATOM   95  O  OP1   . DI  A 1 6  ? -19.469 -0.408  9.084   1.00 43.32 ? 6  DI  A OP1   1 
ATOM   96  O  OP2   . DI  A 1 6  ? -17.668 -1.347  10.695  1.00 43.23 ? 6  DI  A OP2   1 
ATOM   97  O  "O5'" . DI  A 1 6  ? -17.755 -1.901  8.214   1.00 42.52 ? 6  DI  A "O5'" 1 
ATOM   98  C  "C5'" . DI  A 1 6  ? -17.728 -1.471  6.852   1.00 40.10 ? 6  DI  A "C5'" 1 
ATOM   99  C  "C4'" . DI  A 1 6  ? -16.875 -2.421  6.063   1.00 38.91 ? 6  DI  A "C4'" 1 
ATOM   100 O  "O4'" . DI  A 1 6  ? -15.469 -2.229  6.364   1.00 36.61 ? 6  DI  A "O4'" 1 
ATOM   101 C  "C3'" . DI  A 1 6  ? -17.213 -3.854  6.470   1.00 38.83 ? 6  DI  A "C3'" 1 
ATOM   102 O  "O3'" . DI  A 1 6  ? -17.115 -4.660  5.307   1.00 42.58 ? 6  DI  A "O3'" 1 
ATOM   103 C  "C2'" . DI  A 1 6  ? -16.153 -4.167  7.507   1.00 35.11 ? 6  DI  A "C2'" 1 
ATOM   104 C  "C1'" . DI  A 1 6  ? -14.956 -3.434  6.917   1.00 32.13 ? 6  DI  A "C1'" 1 
ATOM   105 N  N9    . DI  A 1 6  ? -13.902 -3.077  7.848   1.00 26.68 ? 6  DI  A N9    1 
ATOM   106 C  C8    . DI  A 1 6  ? -14.043 -2.746  9.166   1.00 25.86 ? 6  DI  A C8    1 
ATOM   107 N  N7    . DI  A 1 6  ? -12.894 -2.479  9.752   1.00 25.19 ? 6  DI  A N7    1 
ATOM   108 C  C5    . DI  A 1 6  ? -11.948 -2.647  8.747   1.00 22.73 ? 6  DI  A C5    1 
ATOM   109 C  C6    . DI  A 1 6  ? -10.546 -2.486  8.781   1.00 21.50 ? 6  DI  A C6    1 
ATOM   110 O  O6    . DI  A 1 6  ? -9.825  -2.097  9.721   1.00 20.30 ? 6  DI  A O6    1 
ATOM   111 N  N1    . DI  A 1 6  ? -9.971  -2.786  7.558   1.00 21.25 ? 6  DI  A N1    1 
ATOM   112 C  C2    . DI  A 1 6  ? -10.666 -3.151  6.432   1.00 22.27 ? 6  DI  A C2    1 
ATOM   113 N  N3    . DI  A 1 6  ? -11.984 -3.270  6.378   1.00 23.52 ? 6  DI  A N3    1 
ATOM   114 C  C4    . DI  A 1 6  ? -12.554 -3.013  7.568   1.00 23.86 ? 6  DI  A C4    1 
ATOM   115 P  P     . DI  A 1 7  ? -17.623 -6.179  5.345   1.00 46.36 ? 7  DI  A P     1 
ATOM   116 O  OP1   . DI  A 1 7  ? -18.769 -6.364  4.392   1.00 45.87 ? 7  DI  A OP1   1 
ATOM   117 O  OP2   . DI  A 1 7  ? -17.748 -6.610  6.783   1.00 44.99 ? 7  DI  A OP2   1 
ATOM   118 O  "O5'" . DI  A 1 7  ? -16.381 -6.895  4.679   1.00 45.16 ? 7  DI  A "O5'" 1 
ATOM   119 C  "C5'" . DI  A 1 7  ? -15.703 -6.264  3.594   1.00 43.47 ? 7  DI  A "C5'" 1 
ATOM   120 C  "C4'" . DI  A 1 7  ? -14.347 -6.894  3.456   1.00 42.21 ? 7  DI  A "C4'" 1 
ATOM   121 O  "O4'" . DI  A 1 7  ? -13.458 -6.460  4.517   1.00 40.24 ? 7  DI  A "O4'" 1 
ATOM   122 C  "C3'" . DI  A 1 7  ? -14.468 -8.406  3.605   1.00 42.57 ? 7  DI  A "C3'" 1 
ATOM   123 O  "O3'" . DI  A 1 7  ? -13.647 -9.025  2.606   1.00 45.82 ? 7  DI  A "O3'" 1 
ATOM   124 C  "C2'" . DI  A 1 7  ? -14.028 -8.650  5.047   1.00 39.40 ? 7  DI  A "C2'" 1 
ATOM   125 C  "C1'" . DI  A 1 7  ? -12.967 -7.587  5.213   1.00 36.49 ? 7  DI  A "C1'" 1 
ATOM   126 N  N9    . DI  A 1 7  ? -12.681 -7.169  6.567   1.00 31.48 ? 7  DI  A N9    1 
ATOM   127 C  C8    . DI  A 1 7  ? -13.546 -7.137  7.612   1.00 30.84 ? 7  DI  A C8    1 
ATOM   128 N  N7    . DI  A 1 7  ? -12.999 -6.687  8.718   1.00 30.93 ? 7  DI  A N7    1 
ATOM   129 C  C5    . DI  A 1 7  ? -11.690 -6.410  8.362   1.00 29.94 ? 7  DI  A C5    1 
ATOM   130 C  C6    . DI  A 1 7  ? -10.593 -5.909  9.147   1.00 29.61 ? 7  DI  A C6    1 
ATOM   131 O  O6    . DI  A 1 7  ? -10.582 -5.526  10.342  1.00 30.09 ? 7  DI  A O6    1 
ATOM   132 N  N1    . DI  A 1 7  ? -9.425  -5.849  8.403   1.00 29.40 ? 7  DI  A N1    1 
ATOM   133 C  C2    . DI  A 1 7  ? -9.328  -6.172  7.071   1.00 30.07 ? 7  DI  A C2    1 
ATOM   134 N  N3    . DI  A 1 7  ? -10.351 -6.600  6.325   1.00 30.54 ? 7  DI  A N3    1 
ATOM   135 C  C4    . DI  A 1 7  ? -11.482 -6.708  7.035   1.00 30.17 ? 7  DI  A C4    1 
ATOM   136 P  P     . DI  A 1 8  ? -13.402 -10.626 2.630   1.00 48.50 ? 8  DI  A P     1 
ATOM   137 O  OP1   . DI  A 1 8  ? -13.584 -11.088 1.204   1.00 48.17 ? 8  DI  A OP1   1 
ATOM   138 O  OP2   . DI  A 1 8  ? -14.177 -11.290 3.747   1.00 48.02 ? 8  DI  A OP2   1 
ATOM   139 O  "O5'" . DI  A 1 8  ? -11.861 -10.696 3.008   1.00 45.87 ? 8  DI  A "O5'" 1 
ATOM   140 C  "C5'" . DI  A 1 8  ? -10.957 -9.848  2.325   1.00 42.52 ? 8  DI  A "C5'" 1 
ATOM   141 C  "C4'" . DI  A 1 8  ? -9.586  -10.043 2.895   1.00 40.03 ? 8  DI  A "C4'" 1 
ATOM   142 O  "O4'" . DI  A 1 8  ? -9.504  -9.465  4.216   1.00 37.59 ? 8  DI  A "O4'" 1 
ATOM   143 C  "C3'" . DI  A 1 8  ? -9.281  -11.522 3.055   1.00 39.90 ? 8  DI  A "C3'" 1 
ATOM   144 O  "O3'" . DI  A 1 8  ? -8.019  -11.763 2.444   1.00 42.73 ? 8  DI  A "O3'" 1 
ATOM   145 C  "C2'" . DI  A 1 8  ? -9.278  -11.732 4.564   1.00 36.99 ? 8  DI  A "C2'" 1 
ATOM   146 C  "C1'" . DI  A 1 8  ? -8.906  -10.374 5.107   1.00 33.10 ? 8  DI  A "C1'" 1 
ATOM   147 N  N9    . DI  A 1 8  ? -9.473  -10.121 6.416   1.00 26.96 ? 8  DI  A N9    1 
ATOM   148 C  C8    . DI  A 1 8  ? -10.755 -10.384 6.783   1.00 24.82 ? 8  DI  A C8    1 
ATOM   149 N  N7    . DI  A 1 8  ? -10.991 -10.093 8.038   1.00 24.35 ? 8  DI  A N7    1 
ATOM   150 C  C5    . DI  A 1 8  ? -9.783  -9.594  8.524   1.00 22.16 ? 8  DI  A C5    1 
ATOM   151 C  C6    . DI  A 1 8  ? -9.438  -9.143  9.807   1.00 20.85 ? 8  DI  A C6    1 
ATOM   152 O  O6    . DI  A 1 8  ? -10.154 -9.064  10.786  1.00 21.47 ? 8  DI  A O6    1 
ATOM   153 N  N1    . DI  A 1 8  ? -8.101  -8.751  9.895   1.00 20.48 ? 8  DI  A N1    1 
ATOM   154 C  C2    . DI  A 1 8  ? -7.217  -8.769  8.864   1.00 21.33 ? 8  DI  A C2    1 
ATOM   155 N  N3    . DI  A 1 8  ? -7.546  -9.181  7.631   1.00 23.66 ? 8  DI  A N3    1 
ATOM   156 C  C4    . DI  A 1 8  ? -8.838  -9.588  7.542   1.00 23.96 ? 8  DI  A C4    1 
ATOM   157 P  P     . DI  A 1 9  ? -7.484  -13.265 2.263   1.00 44.40 ? 9  DI  A P     1 
ATOM   158 O  OP1   . DI  A 1 9  ? -6.684  -13.235 0.991   1.00 43.50 ? 9  DI  A OP1   1 
ATOM   159 O  OP2   . DI  A 1 9  ? -8.646  -14.224 2.400   1.00 43.72 ? 9  DI  A OP2   1 
ATOM   160 O  "O5'" . DI  A 1 9  ? -6.508  -13.362 3.531   1.00 42.32 ? 9  DI  A "O5'" 1 
ATOM   161 C  "C5'" . DI  A 1 9  ? -5.462  -12.371 3.685   1.00 38.64 ? 9  DI  A "C5'" 1 
ATOM   162 C  "C4'" . DI  A 1 9  ? -4.740  -12.522 5.004   1.00 36.06 ? 9  DI  A "C4'" 1 
ATOM   163 O  "O4'" . DI  A 1 9  ? -5.577  -12.107 6.095   1.00 33.54 ? 9  DI  A "O4'" 1 
ATOM   164 C  "C3'" . DI  A 1 9  ? -4.250  -13.917 5.373   1.00 36.17 ? 9  DI  A "C3'" 1 
ATOM   165 O  "O3'" . DI  A 1 9  ? -2.922  -13.804 5.878   1.00 38.86 ? 9  DI  A "O3'" 1 
ATOM   166 C  "C2'" . DI  A 1 9  ? -5.185  -14.338 6.494   1.00 32.51 ? 9  DI  A "C2'" 1 
ATOM   167 C  "C1'" . DI  A 1 9  ? -5.451  -13.017 7.149   1.00 28.42 ? 9  DI  A "C1'" 1 
ATOM   168 N  N9    . DI  A 1 9  ? -6.693  -12.994 7.880   1.00 22.45 ? 9  DI  A N9    1 
ATOM   169 C  C8    . DI  A 1 9  ? -7.896  -13.487 7.472   1.00 20.93 ? 9  DI  A C8    1 
ATOM   170 N  N7    . DI  A 1 9  ? -8.829  -13.351 8.383   1.00 21.22 ? 9  DI  A N7    1 
ATOM   171 C  C5    . DI  A 1 9  ? -8.183  -12.696 9.447   1.00 18.97 ? 9  DI  A C5    1 
ATOM   172 C  C6    . DI  A 1 9  ? -8.675  -12.255 10.729  1.00 18.31 ? 9  DI  A C6    1 
ATOM   173 O  O6    . DI  A 1 9  ? -9.839  -12.279 11.178  1.00 20.46 ? 9  DI  A O6    1 
ATOM   174 N  N1    . DI  A 1 9  ? -7.675  -11.718 11.502  1.00 16.54 ? 9  DI  A N1    1 
ATOM   175 C  C2    . DI  A 1 9  ? -6.392  -11.566 11.093  1.00 17.66 ? 9  DI  A C2    1 
ATOM   176 N  N3    . DI  A 1 9  ? -5.938  -11.915 9.896   1.00 17.60 ? 9  DI  A N3    1 
ATOM   177 C  C4    . DI  A 1 9  ? -6.876  -12.477 9.143   1.00 18.85 ? 9  DI  A C4    1 
ATOM   178 P  P     . DI  A 1 10 ? -2.100  -15.133 6.255   1.00 40.69 ? 10 DI  A P     1 
ATOM   179 O  OP1   . DI  A 1 10 ? -0.698  -14.966 5.690   1.00 39.88 ? 10 DI  A OP1   1 
ATOM   180 O  OP2   . DI  A 1 10 ? -2.945  -16.334 5.899   1.00 38.98 ? 10 DI  A OP2   1 
ATOM   181 O  "O5'" . DI  A 1 10 ? -1.972  -15.037 7.834   1.00 37.32 ? 10 DI  A "O5'" 1 
ATOM   182 C  "C5'" . DI  A 1 10 ? -1.215  -13.977 8.396   1.00 33.16 ? 10 DI  A "C5'" 1 
ATOM   183 C  "C4'" . DI  A 1 10 ? -1.116  -14.167 9.883   1.00 30.34 ? 10 DI  A "C4'" 1 
ATOM   184 O  "O4'" . DI  A 1 10 ? -2.437  -14.011 10.456  1.00 29.26 ? 10 DI  A "O4'" 1 
ATOM   185 C  "C3'" . DI  A 1 10 ? -0.673  -15.573 10.258  1.00 28.38 ? 10 DI  A "C3'" 1 
ATOM   186 O  "O3'" . DI  A 1 10 ? -0.125  -15.165 11.493  1.00 27.55 ? 10 DI  A "O3'" 1 
ATOM   187 C  "C2'" . DI  A 1 10 ? -2.000  -16.281 10.461  1.00 27.72 ? 10 DI  A "C2'" 1 
ATOM   188 C  "C1'" . DI  A 1 10 ? -2.811  -15.196 11.124  1.00 26.51 ? 10 DI  A "C1'" 1 
ATOM   189 N  N9    . DI  A 1 10 ? -4.262  -15.323 11.042  1.00 23.88 ? 10 DI  A N9    1 
ATOM   190 C  C8    . DI  A 1 10 ? -5.016  -15.825 10.007  1.00 22.39 ? 10 DI  A C8    1 
ATOM   191 N  N7    . DI  A 1 10 ? -6.300  -15.823 10.270  1.00 21.61 ? 10 DI  A N7    1 
ATOM   192 C  C5    . DI  A 1 10 ? -6.393  -15.262 11.550  1.00 21.50 ? 10 DI  A C5    1 
ATOM   193 C  C6    . DI  A 1 10 ? -7.549  -15.001 12.400  1.00 20.76 ? 10 DI  A C6    1 
ATOM   194 O  O6    . DI  A 1 10 ? -8.750  -15.262 12.198  1.00 21.87 ? 10 DI  A O6    1 
ATOM   195 N  N1    . DI  A 1 10 ? -7.185  -14.425 13.594  1.00 20.12 ? 10 DI  A N1    1 
ATOM   196 C  C2    . DI  A 1 10 ? -5.894  -14.170 13.975  1.00 22.98 ? 10 DI  A C2    1 
ATOM   197 N  N3    . DI  A 1 10 ? -4.818  -14.431 13.223  1.00 23.31 ? 10 DI  A N3    1 
ATOM   198 C  C4    . DI  A 1 10 ? -5.146  -14.959 12.033  1.00 22.21 ? 10 DI  A C4    1 
ATOM   199 O  "O5'" . DC  B 1 1  ? -12.707 -11.744 20.003  1.00 34.31 ? 11 DC  B "O5'" 1 
ATOM   200 C  "C5'" . DC  B 1 1  ? -12.173 -12.516 21.110  1.00 33.55 ? 11 DC  B "C5'" 1 
ATOM   201 C  "C4'" . DC  B 1 1  ? -10.669 -12.567 21.005  1.00 31.92 ? 11 DC  B "C4'" 1 
ATOM   202 O  "O4'" . DC  B 1 1  ? -10.335 -13.423 19.905  1.00 30.49 ? 11 DC  B "O4'" 1 
ATOM   203 C  "C3'" . DC  B 1 1  ? -10.108 -11.206 20.648  1.00 32.66 ? 11 DC  B "C3'" 1 
ATOM   204 O  "O3'" . DC  B 1 1  ? -8.899  -10.914 21.293  1.00 35.45 ? 11 DC  B "O3'" 1 
ATOM   205 C  "C2'" . DC  B 1 1  ? -9.838  -11.297 19.173  1.00 31.56 ? 11 DC  B "C2'" 1 
ATOM   206 C  "C1'" . DC  B 1 1  ? -9.560  -12.740 18.962  1.00 29.24 ? 11 DC  B "C1'" 1 
ATOM   207 N  N1    . DC  B 1 1  ? -10.035 -13.113 17.647  1.00 27.41 ? 11 DC  B N1    1 
ATOM   208 C  C2    . DC  B 1 1  ? -9.120  -13.373 16.672  1.00 27.52 ? 11 DC  B C2    1 
ATOM   209 O  O2    . DC  B 1 1  ? -7.915  -13.410 16.971  1.00 29.10 ? 11 DC  B O2    1 
ATOM   210 N  N3    . DC  B 1 1  ? -9.539  -13.602 15.418  1.00 27.07 ? 11 DC  B N3    1 
ATOM   211 C  C4    . DC  B 1 1  ? -10.840 -13.631 15.152  1.00 26.94 ? 11 DC  B C4    1 
ATOM   212 N  N4    . DC  B 1 1  ? -11.218 -13.896 13.894  1.00 28.25 ? 11 DC  B N4    1 
ATOM   213 C  C5    . DC  B 1 1  ? -11.801 -13.409 16.147  1.00 26.33 ? 11 DC  B C5    1 
ATOM   214 C  C6    . DC  B 1 1  ? -11.357 -13.159 17.379  1.00 26.79 ? 11 DC  B C6    1 
ATOM   215 P  P     . DC  B 1 2  ? -8.391  -9.393  21.299  1.00 38.89 ? 12 DC  B P     1 
ATOM   216 O  OP1   . DC  B 1 2  ? -7.579  -9.240  22.559  1.00 39.82 ? 12 DC  B OP1   1 
ATOM   217 O  OP2   . DC  B 1 2  ? -9.549  -8.496  21.032  1.00 38.77 ? 12 DC  B OP2   1 
ATOM   218 O  "O5'" . DC  B 1 2  ? -7.423  -9.251  20.045  1.00 37.89 ? 12 DC  B "O5'" 1 
ATOM   219 C  "C5'" . DC  B 1 2  ? -6.087  -9.734  20.160  1.00 36.36 ? 12 DC  B "C5'" 1 
ATOM   220 C  "C4'" . DC  B 1 2  ? -5.383  -9.650  18.840  1.00 34.48 ? 12 DC  B "C4'" 1 
ATOM   221 O  "O4'" . DC  B 1 2  ? -6.098  -10.362 17.803  1.00 32.87 ? 12 DC  B "O4'" 1 
ATOM   222 C  "C3'" . DC  B 1 2  ? -5.229  -8.237  18.334  1.00 35.50 ? 12 DC  B "C3'" 1 
ATOM   223 O  "O3'" . DC  B 1 2  ? -3.927  -8.137  17.843  1.00 39.95 ? 12 DC  B "O3'" 1 
ATOM   224 C  "C2'" . DC  B 1 2  ? -6.142  -8.190  17.130  1.00 33.32 ? 12 DC  B "C2'" 1 
ATOM   225 C  "C1'" . DC  B 1 2  ? -6.053  -9.597  16.634  1.00 30.63 ? 12 DC  B "C1'" 1 
ATOM   226 N  N1    . DC  B 1 2  ? -7.195  -9.953  15.822  1.00 28.65 ? 12 DC  B N1    1 
ATOM   227 C  C2    . DC  B 1 2  ? -6.990  -10.451 14.543  1.00 29.14 ? 12 DC  B C2    1 
ATOM   228 O  O2    . DC  B 1 2  ? -5.845  -10.580 14.118  1.00 30.54 ? 12 DC  B O2    1 
ATOM   229 N  N3    . DC  B 1 2  ? -8.036  -10.765 13.780  1.00 29.19 ? 12 DC  B N3    1 
ATOM   230 C  C4    . DC  B 1 2  ? -9.272  -10.567 14.248  1.00 30.24 ? 12 DC  B C4    1 
ATOM   231 N  N4    . DC  B 1 2  ? -10.292 -10.864 13.442  1.00 31.25 ? 12 DC  B N4    1 
ATOM   232 C  C5    . DC  B 1 2  ? -9.514  -10.053 15.559  1.00 28.77 ? 12 DC  B C5    1 
ATOM   233 C  C6    . DC  B 1 2  ? -8.454  -9.774  16.303  1.00 28.63 ? 12 DC  B C6    1 
ATOM   234 P  P     . DC  B 1 3  ? -3.019  -6.901  18.255  1.00 43.76 ? 13 DC  B P     1 
ATOM   235 O  OP1   . DC  B 1 3  ? -2.043  -7.457  19.250  1.00 43.30 ? 13 DC  B OP1   1 
ATOM   236 O  OP2   . DC  B 1 3  ? -3.876  -5.745  18.632  1.00 44.86 ? 13 DC  B OP2   1 
ATOM   237 O  "O5'" . DC  B 1 3  ? -2.321  -6.581  16.860  1.00 42.48 ? 13 DC  B "O5'" 1 
ATOM   238 C  "C5'" . DC  B 1 3  ? -1.493  -7.580  16.298  1.00 41.05 ? 13 DC  B "C5'" 1 
ATOM   239 C  "C4'" . DC  B 1 3  ? -1.791  -7.783  14.841  1.00 39.05 ? 13 DC  B "C4'" 1 
ATOM   240 O  "O4'" . DC  B 1 3  ? -3.183  -8.099  14.612  1.00 36.78 ? 13 DC  B "O4'" 1 
ATOM   241 C  "C3'" . DC  B 1 3  ? -1.485  -6.561  13.990  1.00 40.50 ? 13 DC  B "C3'" 1 
ATOM   242 O  "O3'" . DC  B 1 3  ? -0.495  -6.917  13.024  1.00 44.71 ? 13 DC  B "O3'" 1 
ATOM   243 C  "C2'" . DC  B 1 3  ? -2.818  -6.239  13.324  1.00 37.86 ? 13 DC  B "C2'" 1 
ATOM   244 C  "C1'" . DC  B 1 3  ? -3.511  -7.578  13.329  1.00 34.29 ? 13 DC  B "C1'" 1 
ATOM   245 N  N1    . DC  B 1 3  ? -4.982  -7.534  13.184  1.00 30.09 ? 13 DC  B N1    1 
ATOM   246 C  C2    . DC  B 1 3  ? -5.535  -7.836  11.968  1.00 28.21 ? 13 DC  B C2    1 
ATOM   247 O  O2    . DC  B 1 3  ? -4.801  -8.110  11.046  1.00 29.68 ? 13 DC  B O2    1 
ATOM   248 N  N3    . DC  B 1 3  ? -6.864  -7.817  11.811  1.00 26.59 ? 13 DC  B N3    1 
ATOM   249 C  C4    . DC  B 1 3  ? -7.648  -7.472  12.835  1.00 26.37 ? 13 DC  B C4    1 
ATOM   250 N  N4    . DC  B 1 3  ? -8.974  -7.428  12.637  1.00 25.13 ? 13 DC  B N4    1 
ATOM   251 C  C5    . DC  B 1 3  ? -7.117  -7.153  14.096  1.00 26.24 ? 13 DC  B C5    1 
ATOM   252 C  C6    . DC  B 1 3  ? -5.786  -7.194  14.228  1.00 28.88 ? 13 DC  B C6    1 
HETATM 253 BR BR    . CBR B 1 4  ? -5.173  -3.307  12.586  1.00 47.58 ? 14 CBR B BR    1 
HETATM 254 P  P     . CBR B 1 4  ? 0.297   -5.757  12.225  1.00 47.92 ? 14 CBR B P     1 
HETATM 255 O  OP1   . CBR B 1 4  ? 1.695   -6.204  12.031  1.00 48.45 ? 14 CBR B OP1   1 
HETATM 256 O  OP2   . CBR B 1 4  ? 0.023   -4.434  12.921  1.00 49.21 ? 14 CBR B OP2   1 
HETATM 257 O  "O5'" . CBR B 1 4  ? -0.356  -5.786  10.781  1.00 44.88 ? 14 CBR B "O5'" 1 
HETATM 258 N  N1    . CBR B 1 4  ? -4.458  -5.415  9.164   1.00 39.65 ? 14 CBR B N1    1 
HETATM 259 C  C6    . CBR B 1 4  ? -4.319  -4.710  10.322  1.00 39.85 ? 14 CBR B C6    1 
HETATM 260 C  C2    . CBR B 1 4  ? -5.767  -5.731  8.686   1.00 38.84 ? 14 CBR B C2    1 
HETATM 261 O  O2    . CBR B 1 4  ? -5.901  -6.324  7.604   1.00 38.78 ? 14 CBR B O2    1 
HETATM 262 N  N3    . CBR B 1 4  ? -6.854  -5.360  9.424   1.00 38.17 ? 14 CBR B N3    1 
HETATM 263 C  C4    . CBR B 1 4  ? -6.682  -4.701  10.570  1.00 38.77 ? 14 CBR B C4    1 
HETATM 264 N  N4    . CBR B 1 4  ? -7.763  -4.412  11.295  1.00 35.95 ? 14 CBR B N4    1 
HETATM 265 C  C5    . CBR B 1 4  ? -5.390  -4.327  11.029  1.00 40.18 ? 14 CBR B C5    1 
HETATM 266 C  "C2'" . CBR B 1 4  ? -2.186  -4.844  8.089   1.00 42.16 ? 14 CBR B "C2'" 1 
HETATM 267 C  "C5'" . CBR B 1 4  ? -0.315  -6.973  10.083  1.00 42.57 ? 14 CBR B "C5'" 1 
HETATM 268 C  "C4'" . CBR B 1 4  ? -1.169  -6.859  8.864   1.00 42.05 ? 14 CBR B "C4'" 1 
HETATM 269 O  "O4'" . CBR B 1 4  ? -2.553  -6.789  9.244   1.00 41.93 ? 14 CBR B "O4'" 1 
HETATM 270 C  "C1'" . CBR B 1 4  ? -3.245  -5.881  8.414   1.00 41.00 ? 14 CBR B "C1'" 1 
HETATM 271 C  "C3'" . CBR B 1 4  ? -0.876  -5.616  8.058   1.00 41.90 ? 14 CBR B "C3'" 1 
HETATM 272 O  "O3'" . CBR B 1 4  ? -0.552  -6.074  6.764   1.00 43.76 ? 14 CBR B "O3'" 1 
ATOM   273 P  P     . DC  B 1 5  ? -0.338  -5.031  5.584   1.00 45.38 ? 15 DC  B P     1 
ATOM   274 O  OP1   . DC  B 1 5  ? 0.459   -5.609  4.462   1.00 45.75 ? 15 DC  B OP1   1 
ATOM   275 O  OP2   . DC  B 1 5  ? 0.145   -3.805  6.273   1.00 45.06 ? 15 DC  B OP2   1 
ATOM   276 O  "O5'" . DC  B 1 5  ? -1.824  -4.932  5.039   1.00 44.13 ? 15 DC  B "O5'" 1 
ATOM   277 C  "C5'" . DC  B 1 5  ? -2.487  -6.129  4.660   1.00 41.38 ? 15 DC  B "C5'" 1 
ATOM   278 C  "C4'" . DC  B 1 5  ? -3.721  -5.786  3.877   1.00 40.11 ? 15 DC  B "C4'" 1 
ATOM   279 O  "O4'" . DC  B 1 5  ? -4.807  -5.370  4.740   1.00 38.41 ? 15 DC  B "O4'" 1 
ATOM   280 C  "C3'" . DC  B 1 5  ? -3.462  -4.644  2.911   1.00 39.59 ? 15 DC  B "C3'" 1 
ATOM   281 O  "O3'" . DC  B 1 5  ? -4.125  -4.935  1.694   1.00 41.01 ? 15 DC  B "O3'" 1 
ATOM   282 C  "C2'" . DC  B 1 5  ? -4.073  -3.453  3.622   1.00 38.12 ? 15 DC  B "C2'" 1 
ATOM   283 C  "C1'" . DC  B 1 5  ? -5.242  -4.082  4.377   1.00 36.04 ? 15 DC  B "C1'" 1 
ATOM   284 N  N1    . DC  B 1 5  ? -5.571  -3.387  5.612   1.00 32.46 ? 15 DC  B N1    1 
ATOM   285 C  C2    . DC  B 1 5  ? -6.878  -3.423  6.074   1.00 31.38 ? 15 DC  B C2    1 
ATOM   286 O  O2    . DC  B 1 5  ? -7.724  -4.004  5.394   1.00 31.38 ? 15 DC  B O2    1 
ATOM   287 N  N3    . DC  B 1 5  ? -7.191  -2.833  7.250   1.00 30.42 ? 15 DC  B N3    1 
ATOM   288 C  C4    . DC  B 1 5  ? -6.224  -2.233  7.953   1.00 31.62 ? 15 DC  B C4    1 
ATOM   289 N  N4    . DC  B 1 5  ? -6.538  -1.695  9.143   1.00 32.90 ? 15 DC  B N4    1 
ATOM   290 C  C5    . DC  B 1 5  ? -4.875  -2.163  7.479   1.00 31.01 ? 15 DC  B C5    1 
ATOM   291 C  C6    . DC  B 1 5  ? -4.603  -2.741  6.314   1.00 31.10 ? 15 DC  B C6    1 
ATOM   292 P  P     . DI  B 1 6  ? -4.038  -3.893  0.473   1.00 42.74 ? 16 DI  B P     1 
ATOM   293 O  OP1   . DI  B 1 6  ? -4.045  -4.666  -0.832  1.00 42.12 ? 16 DI  B OP1   1 
ATOM   294 O  OP2   . DI  B 1 6  ? -2.972  -2.876  0.776   1.00 40.53 ? 16 DI  B OP2   1 
ATOM   295 O  "O5'" . DI  B 1 6  ? -5.503  -3.297  0.469   1.00 41.96 ? 16 DI  B "O5'" 1 
ATOM   296 C  "C5'" . DI  B 1 6  ? -6.577  -4.211  0.166   1.00 40.03 ? 16 DI  B "C5'" 1 
ATOM   297 C  "C4'" . DI  B 1 6  ? -7.873  -3.469  0.009   1.00 37.28 ? 16 DI  B "C4'" 1 
ATOM   298 O  "O4'" . DI  B 1 6  ? -8.225  -2.852  1.266   1.00 34.59 ? 16 DI  B "O4'" 1 
ATOM   299 C  "C3'" . DI  B 1 6  ? -7.749  -2.346  -0.997  1.00 36.74 ? 16 DI  B "C3'" 1 
ATOM   300 O  "O3'" . DI  B 1 6  ? -9.003  -2.260  -1.641  1.00 39.66 ? 16 DI  B "O3'" 1 
ATOM   301 C  "C2'" . DI  B 1 6  ? -7.395  -1.160  -0.125  1.00 33.32 ? 16 DI  B "C2'" 1 
ATOM   302 C  "C1'" . DI  B 1 6  ? -8.183  -1.458  1.133   1.00 30.49 ? 16 DI  B "C1'" 1 
ATOM   303 N  N9    . DI  B 1 6  ? -7.657  -0.938  2.375   1.00 25.42 ? 16 DI  B N9    1 
ATOM   304 C  C8    . DI  B 1 6  ? -6.367  -0.603  2.669   1.00 23.34 ? 16 DI  B C8    1 
ATOM   305 N  N7    . DI  B 1 6  ? -6.224  -0.175  3.897   1.00 23.05 ? 16 DI  B N7    1 
ATOM   306 C  C5    . DI  B 1 6  ? -7.511  -0.228  4.437   1.00 22.04 ? 16 DI  B C5    1 
ATOM   307 C  C6    . DI  B 1 6  ? -8.000  0.136   5.736   1.00 21.21 ? 16 DI  B C6    1 
ATOM   308 O  O6    . DI  B 1 6  ? -7.380  0.630   6.707   1.00 21.50 ? 16 DI  B O6    1 
ATOM   309 N  N1    . DI  B 1 6  ? -9.362  -0.094  5.846   1.00 21.01 ? 16 DI  B N1    1 
ATOM   310 C  C2    . DI  B 1 6  ? -10.168 -0.579  4.838   1.00 21.31 ? 16 DI  B C2    1 
ATOM   311 N  N3    . DI  B 1 6  ? -9.734  -0.887  3.627   1.00 21.98 ? 16 DI  B N3    1 
ATOM   312 C  C4    . DI  B 1 6  ? -8.402  -0.696  3.506   1.00 23.08 ? 16 DI  B C4    1 
ATOM   313 P  P     . DI  B 1 7  ? -9.291  -1.061  -2.666  1.00 44.87 ? 17 DI  B P     1 
ATOM   314 O  OP1   . DI  B 1 7  ? -9.848  -1.671  -3.950  1.00 44.08 ? 17 DI  B OP1   1 
ATOM   315 O  OP2   . DI  B 1 7  ? -8.168  -0.043  -2.732  1.00 43.77 ? 17 DI  B OP2   1 
ATOM   316 O  "O5'" . DI  B 1 7  ? -10.455 -0.295  -1.892  1.00 44.42 ? 17 DI  B "O5'" 1 
ATOM   317 C  "C5'" . DI  B 1 7  ? -11.468 -1.041  -1.160  1.00 43.26 ? 17 DI  B "C5'" 1 
ATOM   318 C  "C4'" . DI  B 1 7  ? -12.312 -0.070  -0.372  1.00 41.07 ? 17 DI  B "C4'" 1 
ATOM   319 O  "O4'" . DI  B 1 7  ? -11.665 0.391   0.847   1.00 39.08 ? 17 DI  B "O4'" 1 
ATOM   320 C  "C3'" . DI  B 1 7  ? -12.532 1.178   -1.217  1.00 40.45 ? 17 DI  B "C3'" 1 
ATOM   321 O  "O3'" . DI  B 1 7  ? -13.828 1.678   -0.896  1.00 42.01 ? 17 DI  B "O3'" 1 
ATOM   322 C  "C2'" . DI  B 1 7  ? -11.408 2.082   -0.732  1.00 37.41 ? 17 DI  B "C2'" 1 
ATOM   323 C  "C1'" . DI  B 1 7  ? -11.490 1.788   0.752   1.00 34.54 ? 17 DI  B "C1'" 1 
ATOM   324 N  N9    . DI  B 1 7  ? -10.334 2.154   1.540   1.00 29.38 ? 17 DI  B N9    1 
ATOM   325 C  C8    . DI  B 1 7  ? -9.049  2.225   1.119   1.00 27.84 ? 17 DI  B C8    1 
ATOM   326 N  N7    . DI  B 1 7  ? -8.231  2.616   2.061   1.00 27.03 ? 17 DI  B N7    1 
ATOM   327 C  C5    . DI  B 1 7  ? -9.044  2.810   3.164   1.00 24.93 ? 17 DI  B C5    1 
ATOM   328 C  C6    . DI  B 1 7  ? -8.721  3.264   4.476   1.00 24.74 ? 17 DI  B C6    1 
ATOM   329 O  O6    . DI  B 1 7  ? -7.599  3.584   4.940   1.00 24.57 ? 17 DI  B O6    1 
ATOM   330 N  N1    . DI  B 1 7  ? -9.847  3.337   5.286   1.00 23.86 ? 17 DI  B N1    1 
ATOM   331 C  C2    . DI  B 1 7  ? -11.107 3.009   4.876   1.00 25.38 ? 17 DI  B C2    1 
ATOM   332 N  N3    . DI  B 1 7  ? -11.411 2.583   3.642   1.00 25.86 ? 17 DI  B N3    1 
ATOM   333 C  C4    . DI  B 1 7  ? -10.337 2.518   2.857   1.00 26.00 ? 17 DI  B C4    1 
ATOM   334 P  P     . DI  B 1 8  ? -14.608 2.632   -1.927  1.00 42.91 ? 18 DI  B P     1 
ATOM   335 O  OP1   . DI  B 1 8  ? -15.432 1.753   -2.794  1.00 43.44 ? 18 DI  B OP1   1 
ATOM   336 O  OP2   . DI  B 1 8  ? -13.670 3.638   -2.559  1.00 41.85 ? 18 DI  B OP2   1 
ATOM   337 O  "O5'" . DI  B 1 8  ? -15.590 3.367   -0.922  1.00 40.08 ? 18 DI  B "O5'" 1 
ATOM   338 C  "C5'" . DI  B 1 8  ? -16.031 2.701   0.269   1.00 36.02 ? 18 DI  B "C5'" 1 
ATOM   339 C  "C4'" . DI  B 1 8  ? -15.961 3.654   1.437   1.00 33.36 ? 18 DI  B "C4'" 1 
ATOM   340 O  "O4'" . DI  B 1 8  ? -14.619 3.814   1.952   1.00 30.77 ? 18 DI  B "O4'" 1 
ATOM   341 C  "C3'" . DI  B 1 8  ? -16.463 5.064   1.121   1.00 33.38 ? 18 DI  B "C3'" 1 
ATOM   342 O  "O3'" . DI  B 1 8  ? -17.319 5.476   2.195   1.00 35.61 ? 18 DI  B "O3'" 1 
ATOM   343 C  "C2'" . DI  B 1 8  ? -15.179 5.875   1.096   1.00 30.42 ? 18 DI  B "C2'" 1 
ATOM   344 C  "C1'" . DI  B 1 8  ? -14.391 5.174   2.170   1.00 27.22 ? 18 DI  B "C1'" 1 
ATOM   345 N  N9    . DI  B 1 8  ? -12.958 5.404   2.162   1.00 23.89 ? 18 DI  B N9    1 
ATOM   346 C  C8    . DI  B 1 8  ? -12.102 5.301   1.105   1.00 23.42 ? 18 DI  B C8    1 
ATOM   347 N  N7    . DI  B 1 8  ? -10.876 5.653   1.407   1.00 22.68 ? 18 DI  B N7    1 
ATOM   348 C  C5    . DI  B 1 8  ? -10.937 5.997   2.745   1.00 22.41 ? 18 DI  B C5    1 
ATOM   349 C  C6    . DI  B 1 8  ? -9.932  6.473   3.615   1.00 23.56 ? 18 DI  B C6    1 
ATOM   350 O  O6    . DI  B 1 8  ? -8.751  6.712   3.363   1.00 25.41 ? 18 DI  B O6    1 
ATOM   351 N  N1    . DI  B 1 8  ? -10.413 6.685   4.906   1.00 23.60 ? 18 DI  B N1    1 
ATOM   352 C  C2    . DI  B 1 8  ? -11.700 6.457   5.305   1.00 22.62 ? 18 DI  B C2    1 
ATOM   353 N  N3    . DI  B 1 8  ? -12.649 6.019   4.496   1.00 22.36 ? 18 DI  B N3    1 
ATOM   354 C  C4    . DI  B 1 8  ? -12.201 5.821   3.235   1.00 22.63 ? 18 DI  B C4    1 
ATOM   355 P  P     . DI  B 1 9  ? -18.352 6.711   2.011   1.00 36.91 ? 19 DI  B P     1 
ATOM   356 O  OP1   . DI  B 1 9  ? -19.675 6.173   2.463   1.00 35.83 ? 19 DI  B OP1   1 
ATOM   357 O  OP2   . DI  B 1 9  ? -18.231 7.486   0.724   1.00 36.05 ? 19 DI  B OP2   1 
ATOM   358 O  "O5'" . DI  B 1 9  ? -17.852 7.697   3.132   1.00 34.04 ? 19 DI  B "O5'" 1 
ATOM   359 C  "C5'" . DI  B 1 9  ? -17.866 7.230   4.448   1.00 32.09 ? 19 DI  B "C5'" 1 
ATOM   360 C  "C4'" . DI  B 1 9  ? -17.148 8.216   5.310   1.00 29.85 ? 19 DI  B "C4'" 1 
ATOM   361 O  "O4'" . DI  B 1 9  ? -15.737 8.211   5.010   1.00 28.20 ? 19 DI  B "O4'" 1 
ATOM   362 C  "C3'" . DI  B 1 9  ? -17.639 9.618   5.021   1.00 28.37 ? 19 DI  B "C3'" 1 
ATOM   363 O  "O3'" . DI  B 1 9  ? -17.736 10.216  6.309   1.00 28.53 ? 19 DI  B "O3'" 1 
ATOM   364 C  "C2'" . DI  B 1 9  ? -16.533 10.180  4.140   1.00 27.10 ? 19 DI  B "C2'" 1 
ATOM   365 C  "C1'" . DI  B 1 9  ? -15.319 9.507   4.740   1.00 25.53 ? 19 DI  B "C1'" 1 
ATOM   366 N  N9    . DI  B 1 9  ? -14.142 9.409   3.898   1.00 22.57 ? 19 DI  B N9    1 
ATOM   367 C  C8    . DI  B 1 9  ? -14.100 9.092   2.573   1.00 22.12 ? 19 DI  B C8    1 
ATOM   368 N  N7    . DI  B 1 9  ? -12.892 9.131   2.084   1.00 21.40 ? 19 DI  B N7    1 
ATOM   369 C  C5    . DI  B 1 9  ? -12.102 9.469   3.172   1.00 20.31 ? 19 DI  B C5    1 
ATOM   370 C  C6    . DI  B 1 9  ? -10.711 9.645   3.262   1.00 20.85 ? 19 DI  B C6    1 
ATOM   371 O  O6    . DI  B 1 9  ? -9.851  9.493   2.368   1.00 20.70 ? 19 DI  B O6    1 
ATOM   372 N  N1    . DI  B 1 9  ? -10.320 10.019  4.547   1.00 21.13 ? 19 DI  B N1    1 
ATOM   373 C  C2    . DI  B 1 9  ? -11.162 10.158  5.606   1.00 21.33 ? 19 DI  B C2    1 
ATOM   374 N  N3    . DI  B 1 9  ? -12.469 9.958   5.531   1.00 21.29 ? 19 DI  B N3    1 
ATOM   375 C  C4    . DI  B 1 9  ? -12.860 9.633   4.292   1.00 20.61 ? 19 DI  B C4    1 
ATOM   376 P  P     . DI  B 1 10 ? -18.655 11.493  6.550   1.00 27.60 ? 20 DI  B P     1 
ATOM   377 O  OP1   . DI  B 1 10 ? -19.327 11.232  7.847   1.00 24.17 ? 20 DI  B OP1   1 
ATOM   378 O  OP2   . DI  B 1 10 ? -19.458 11.811  5.321   1.00 25.57 ? 20 DI  B OP2   1 
ATOM   379 O  "O5'" . DI  B 1 10 ? -17.498 12.556  6.788   1.00 26.31 ? 20 DI  B "O5'" 1 
ATOM   380 C  "C5'" . DI  B 1 10 ? -16.657 12.376  7.932   1.00 25.58 ? 20 DI  B "C5'" 1 
ATOM   381 C  "C4'" . DI  B 1 10 ? -15.474 13.308  7.889   1.00 24.31 ? 20 DI  B "C4'" 1 
ATOM   382 O  "O4'" . DI  B 1 10 ? -14.493 12.859  6.940   1.00 24.62 ? 20 DI  B "O4'" 1 
ATOM   383 C  "C3'" . DI  B 1 10 ? -15.723 14.774  7.574   1.00 23.60 ? 20 DI  B "C3'" 1 
ATOM   384 O  "O3'" . DI  B 1 10 ? -14.908 15.290  8.647   1.00 25.13 ? 20 DI  B "O3'" 1 
ATOM   385 C  "C2'" . DI  B 1 10 ? -15.027 14.960  6.239   1.00 23.70 ? 20 DI  B "C2'" 1 
ATOM   386 C  "C1'" . DI  B 1 10 ? -13.886 13.967  6.338   1.00 22.96 ? 20 DI  B "C1'" 1 
ATOM   387 N  N9    . DI  B 1 10 ? -13.372 13.521  5.056   1.00 21.26 ? 20 DI  B N9    1 
ATOM   388 C  C8    . DI  B 1 10 ? -14.142 13.120  4.009   1.00 21.72 ? 20 DI  B C8    1 
ATOM   389 N  N7    . DI  B 1 10 ? -13.447 12.839  2.945   1.00 22.59 ? 20 DI  B N7    1 
ATOM   390 C  C5    . DI  B 1 10 ? -12.129 13.038  3.334   1.00 21.81 ? 20 DI  B C5    1 
ATOM   391 C  C6    . DI  B 1 10 ? -10.914 12.874  2.594   1.00 21.61 ? 20 DI  B C6    1 
ATOM   392 O  O6    . DI  B 1 10 ? -10.776 12.553  1.394   1.00 21.60 ? 20 DI  B O6    1 
ATOM   393 N  N1    . DI  B 1 10 ? -9.797  13.148  3.368   1.00 20.78 ? 20 DI  B N1    1 
ATOM   394 C  C2    . DI  B 1 10 ? -9.839  13.560  4.670   1.00 21.91 ? 20 DI  B C2    1 
ATOM   395 N  N3    . DI  B 1 10 ? -10.971 13.730  5.363   1.00 23.72 ? 20 DI  B N3    1 
ATOM   396 C  C4    . DI  B 1 10 ? -12.067 13.444  4.635   1.00 21.51 ? 20 DI  B C4    1 
ATOM   397 O  "O5'" . DC  C 1 1  ? 1.067   -11.449 -16.144 1.00 39.74 ? 21 DC  C "O5'" 1 
ATOM   398 C  "C5'" . DC  C 1 1  ? 0.671   -12.824 -16.218 1.00 38.60 ? 21 DC  C "C5'" 1 
ATOM   399 C  "C4'" . DC  C 1 1  ? 1.941   -13.413 -15.660 1.00 37.45 ? 21 DC  C "C4'" 1 
ATOM   400 O  "O4'" . DC  C 1 1  ? 3.038   -13.077 -16.533 1.00 35.14 ? 21 DC  C "O4'" 1 
ATOM   401 C  "C3'" . DC  C 1 1  ? 2.299   -12.811 -14.315 1.00 38.66 ? 21 DC  C "C3'" 1 
ATOM   402 O  "O3'" . DC  C 1 1  ? 2.641   -13.808 -13.382 1.00 43.55 ? 21 DC  C "O3'" 1 
ATOM   403 C  "C2'" . DC  C 1 1  ? 3.495   -11.926 -14.589 1.00 35.48 ? 21 DC  C "C2'" 1 
ATOM   404 C  "C1'" . DC  C 1 1  ? 4.102   -12.509 -15.830 1.00 31.72 ? 21 DC  C "C1'" 1 
ATOM   405 N  N1    . DC  C 1 1  ? 4.629   -11.463 -16.665 1.00 27.97 ? 21 DC  C N1    1 
ATOM   406 C  C2    . DC  C 1 1  ? 5.994   -11.348 -16.832 1.00 27.36 ? 21 DC  C C2    1 
ATOM   407 O  O2    . DC  C 1 1  ? 6.736   -12.211 -16.341 1.00 28.45 ? 21 DC  C O2    1 
ATOM   408 N  N3    . DC  C 1 1  ? 6.487   -10.318 -17.553 1.00 26.37 ? 21 DC  C N3    1 
ATOM   409 C  C4    . DC  C 1 1  ? 5.642   -9.461  -18.144 1.00 25.44 ? 21 DC  C C4    1 
ATOM   410 N  N4    . DC  C 1 1  ? 6.162   -8.472  -18.875 1.00 24.38 ? 21 DC  C N4    1 
ATOM   411 C  C5    . DC  C 1 1  ? 4.240   -9.588  -18.020 1.00 24.96 ? 21 DC  C C5    1 
ATOM   412 C  C6    . DC  C 1 1  ? 3.781   -10.589 -17.270 1.00 26.34 ? 21 DC  C C6    1 
ATOM   413 P  P     . DC  C 1 2  ? 2.968   -13.365 -11.878 1.00 47.25 ? 22 DC  C P     1 
ATOM   414 O  OP1   . DC  C 1 2  ? 2.764   -14.561 -10.988 1.00 47.84 ? 22 DC  C OP1   1 
ATOM   415 O  OP2   . DC  C 1 2  ? 2.300   -12.066 -11.567 1.00 47.38 ? 22 DC  C OP2   1 
ATOM   416 O  "O5'" . DC  C 1 2  ? 4.507   -13.036 -11.992 1.00 44.79 ? 22 DC  C "O5'" 1 
ATOM   417 C  "C5'" . DC  C 1 2  ? 5.414   -14.081 -12.221 1.00 40.95 ? 22 DC  C "C5'" 1 
ATOM   418 C  "C4'" . DC  C 1 2  ? 6.781   -13.553 -11.935 1.00 38.06 ? 22 DC  C "C4'" 1 
ATOM   419 O  "O4'" . DC  C 1 2  ? 7.024   -12.531 -12.913 1.00 36.01 ? 22 DC  C "O4'" 1 
ATOM   420 C  "C3'" . DC  C 1 2  ? 6.845   -12.845 -10.593 1.00 37.19 ? 22 DC  C "C3'" 1 
ATOM   421 O  "O3'" . DC  C 1 2  ? 8.172   -12.967 -10.169 1.00 39.53 ? 22 DC  C "O3'" 1 
ATOM   422 C  "C2'" . DC  C 1 2  ? 6.591   -11.399 -10.961 1.00 35.32 ? 22 DC  C "C2'" 1 
ATOM   423 C  "C1'" . DC  C 1 2  ? 7.337   -11.332 -12.259 1.00 32.93 ? 22 DC  C "C1'" 1 
ATOM   424 N  N1    . DC  C 1 2  ? 7.021   -10.243 -13.173 1.00 29.49 ? 22 DC  C N1    1 
ATOM   425 C  C2    . DC  C 1 2  ? 8.044   -9.690  -13.875 1.00 28.17 ? 22 DC  C C2    1 
ATOM   426 O  O2    . DC  C 1 2  ? 9.164   -10.115 -13.693 1.00 28.19 ? 22 DC  C O2    1 
ATOM   427 N  N3    . DC  C 1 2  ? 7.808   -8.696  -14.735 1.00 27.83 ? 22 DC  C N3    1 
ATOM   428 C  C4    . DC  C 1 2  ? 6.574   -8.240  -14.888 1.00 27.34 ? 22 DC  C C4    1 
ATOM   429 N  N4    . DC  C 1 2  ? 6.385   -7.239  -15.744 1.00 27.02 ? 22 DC  C N4    1 
ATOM   430 C  C5    . DC  C 1 2  ? 5.487   -8.790  -14.178 1.00 27.62 ? 22 DC  C C5    1 
ATOM   431 C  C6    . DC  C 1 2  ? 5.755   -9.788  -13.329 1.00 28.63 ? 22 DC  C C6    1 
ATOM   432 P  P     . DC  C 1 3  ? 8.516   -12.883 -8.639  1.00 41.57 ? 23 DC  C P     1 
ATOM   433 O  OP1   . DC  C 1 3  ? 8.802   -14.245 -8.130  1.00 41.86 ? 23 DC  C OP1   1 
ATOM   434 O  OP2   . DC  C 1 3  ? 7.421   -12.105 -8.058  1.00 42.40 ? 23 DC  C OP2   1 
ATOM   435 O  "O5'" . DC  C 1 3  ? 9.848   -12.028 -8.665  1.00 40.41 ? 23 DC  C "O5'" 1 
ATOM   436 C  "C5'" . DC  C 1 3  ? 10.884  -12.369 -9.586  1.00 39.05 ? 23 DC  C "C5'" 1 
ATOM   437 C  "C4'" . DC  C 1 3  ? 11.786  -11.181 -9.809  1.00 38.24 ? 23 DC  C "C4'" 1 
ATOM   438 O  "O4'" . DC  C 1 3  ? 11.259  -10.233 -10.765 1.00 36.92 ? 23 DC  C "O4'" 1 
ATOM   439 C  "C3'" . DC  C 1 3  ? 12.109  -10.375 -8.555  1.00 38.38 ? 23 DC  C "C3'" 1 
ATOM   440 O  "O3'" . DC  C 1 3  ? 13.450  -9.928  -8.686  1.00 41.71 ? 23 DC  C "O3'" 1 
ATOM   441 C  "C2'" . DC  C 1 3  ? 11.204  -9.170  -8.708  1.00 35.96 ? 23 DC  C "C2'" 1 
ATOM   442 C  "C1'" . DC  C 1 3  ? 11.314  -8.928  -10.203 1.00 33.55 ? 23 DC  C "C1'" 1 
ATOM   443 N  N1    . DC  C 1 3  ? 10.206  -8.152  -10.776 1.00 29.60 ? 23 DC  C N1    1 
ATOM   444 C  C2    . DC  C 1 3  ? 10.459  -7.193  -11.755 1.00 27.89 ? 23 DC  C C2    1 
ATOM   445 O  O2    . DC  C 1 3  ? 11.624  -6.963  -12.098 1.00 27.84 ? 23 DC  C O2    1 
ATOM   446 N  N3    . DC  C 1 3  ? 9.414   -6.532  -12.312 1.00 25.83 ? 23 DC  C N3    1 
ATOM   447 C  C4    . DC  C 1 3  ? 8.171   -6.812  -11.931 1.00 25.45 ? 23 DC  C C4    1 
ATOM   448 N  N4    . DC  C 1 3  ? 7.189   -6.212  -12.535 1.00 25.02 ? 23 DC  C N4    1 
ATOM   449 C  C5    . DC  C 1 3  ? 7.891   -7.745  -10.916 1.00 26.56 ? 23 DC  C C5    1 
ATOM   450 C  C6    . DC  C 1 3  ? 8.927   -8.388  -10.361 1.00 28.99 ? 23 DC  C C6    1 
HETATM 451 BR BR    . CBR C 1 4  ? 9.561   -5.793  -7.524  1.00 46.37 ? 24 CBR C BR    1 
HETATM 452 P  P     . CBR C 1 4  ? 14.327  -9.593  -7.385  1.00 44.10 ? 24 CBR C P     1 
HETATM 453 O  OP1   . CBR C 1 4  ? 15.224  -10.736 -7.091  1.00 44.46 ? 24 CBR C OP1   1 
HETATM 454 O  OP2   . CBR C 1 4  ? 13.507  -9.000  -6.276  1.00 44.71 ? 24 CBR C OP2   1 
HETATM 455 O  "O5'" . CBR C 1 4  ? 15.194  -8.421  -7.960  1.00 42.30 ? 24 CBR C "O5'" 1 
HETATM 456 N  N1    . CBR C 1 4  ? 12.763  -4.805  -9.761  1.00 37.58 ? 24 CBR C N1    1 
HETATM 457 C  C6    . CBR C 1 4  ? 11.962  -5.304  -8.798  1.00 37.75 ? 24 CBR C C6    1 
HETATM 458 C  C2    . CBR C 1 4  ? 12.230  -3.979  -10.750 1.00 37.14 ? 24 CBR C C2    1 
HETATM 459 O  O2    . CBR C 1 4  ? 12.969  -3.489  -11.594 1.00 38.40 ? 24 CBR C O2    1 
HETATM 460 N  N3    . CBR C 1 4  ? 10.908  -3.723  -10.755 1.00 36.71 ? 24 CBR C N3    1 
HETATM 461 C  C4    . CBR C 1 4  ? 10.140  -4.247  -9.816  1.00 37.16 ? 24 CBR C C4    1 
HETATM 462 N  N4    . CBR C 1 4  ? 8.830   -3.982  -9.840  1.00 35.57 ? 24 CBR C N4    1 
HETATM 463 C  C5    . CBR C 1 4  ? 10.669  -5.056  -8.809  1.00 37.77 ? 24 CBR C C5    1 
HETATM 464 C  "C2'" . CBR C 1 4  ? 14.971  -5.108  -8.494  1.00 41.01 ? 24 CBR C "C2'" 1 
HETATM 465 C  "C5'" . CBR C 1 4  ? 15.540  -8.435  -9.305  1.00 41.47 ? 24 CBR C "C5'" 1 
HETATM 466 C  "C4'" . CBR C 1 4  ? 15.580  -7.021  -9.803  1.00 41.47 ? 24 CBR C "C4'" 1 
HETATM 467 O  "O4'" . CBR C 1 4  ? 14.274  -6.533  -10.179 1.00 40.96 ? 24 CBR C "O4'" 1 
HETATM 468 C  "C1'" . CBR C 1 4  ? 14.191  -5.171  -9.802  1.00 39.79 ? 24 CBR C "C1'" 1 
HETATM 469 C  "C3'" . CBR C 1 4  ? 16.125  -6.070  -8.740  1.00 41.18 ? 24 CBR C "C3'" 1 
HETATM 470 O  "O3'" . CBR C 1 4  ? 17.293  -5.434  -9.238  1.00 41.98 ? 24 CBR C "O3'" 1 
ATOM   471 P  P     . DC  C 1 5  ? 17.898  -4.182  -8.468  1.00 42.93 ? 25 DC  C P     1 
ATOM   472 O  OP1   . DC  C 1 5  ? 19.296  -3.811  -8.901  1.00 42.32 ? 25 DC  C OP1   1 
ATOM   473 O  OP2   . DC  C 1 5  ? 17.591  -4.484  -7.027  1.00 42.51 ? 25 DC  C OP2   1 
ATOM   474 O  "O5'" . DC  C 1 5  ? 17.049  -3.027  -9.117  1.00 41.59 ? 25 DC  C "O5'" 1 
ATOM   475 C  "C5'" . DC  C 1 5  ? 17.168  -2.851  -10.514 1.00 40.24 ? 25 DC  C "C5'" 1 
ATOM   476 C  "C4'" . DC  C 1 5  ? 16.776  -1.451  -10.867 1.00 39.07 ? 25 DC  C "C4'" 1 
ATOM   477 O  "O4'" . DC  C 1 5  ? 15.349  -1.331  -10.713 1.00 38.11 ? 25 DC  C "O4'" 1 
ATOM   478 C  "C3'" . DC  C 1 5  ? 17.393  -0.499  -9.864  1.00 38.93 ? 25 DC  C "C3'" 1 
ATOM   479 O  "O3'" . DC  C 1 5  ? 17.739  0.698   -10.533 1.00 41.12 ? 25 DC  C "O3'" 1 
ATOM   480 C  "C2'" . DC  C 1 5  ? 16.281  -0.301  -8.852  1.00 36.76 ? 25 DC  C "C2'" 1 
ATOM   481 C  "C1'" . DC  C 1 5  ? 15.062  -0.346  -9.741  1.00 33.93 ? 25 DC  C "C1'" 1 
ATOM   482 N  N1    . DC  C 1 5  ? 13.799  -0.711  -9.102  1.00 28.15 ? 25 DC  C N1    1 
ATOM   483 C  C2    . DC  C 1 5  ? 12.614  -0.275  -9.674  1.00 25.24 ? 25 DC  C C2    1 
ATOM   484 O  O2    . DC  C 1 5  ? 12.656  0.398   -10.708 1.00 24.79 ? 25 DC  C O2    1 
ATOM   485 N  N3    . DC  C 1 5  ? 11.457  -0.596  -9.108  1.00 23.67 ? 25 DC  C N3    1 
ATOM   486 C  C4    . DC  C 1 5  ? 11.451  -1.353  -8.010  1.00 24.54 ? 25 DC  C C4    1 
ATOM   487 N  N4    . DC  C 1 5  ? 10.269  -1.703  -7.501  1.00 25.39 ? 25 DC  C N4    1 
ATOM   488 C  C5    . DC  C 1 5  ? 12.646  -1.804  -7.395  1.00 24.09 ? 25 DC  C C5    1 
ATOM   489 C  C6    . DC  C 1 5  ? 13.788  -1.464  -7.972  1.00 26.05 ? 25 DC  C C6    1 
ATOM   490 P  P     . DI  C 1 6  ? 18.490  1.860   -9.727  1.00 43.40 ? 26 DI  C P     1 
ATOM   491 O  OP1   . DI  C 1 6  ? 19.694  2.297   -10.475 1.00 43.99 ? 26 DI  C OP1   1 
ATOM   492 O  OP2   . DI  C 1 6  ? 18.627  1.475   -8.282  1.00 42.24 ? 26 DI  C OP2   1 
ATOM   493 O  "O5'" . DI  C 1 6  ? 17.430  3.025   -9.941  1.00 43.96 ? 26 DI  C "O5'" 1 
ATOM   494 C  "C5'" . DI  C 1 6  ? 16.995  3.348   -11.299 1.00 42.41 ? 26 DI  C "C5'" 1 
ATOM   495 C  "C4'" . DI  C 1 6  ? 15.996  4.477   -11.271 1.00 40.13 ? 26 DI  C "C4'" 1 
ATOM   496 O  "O4'" . DI  C 1 6  ? 14.761  4.037   -10.671 1.00 38.13 ? 26 DI  C "O4'" 1 
ATOM   497 C  "C3'" . DI  C 1 6  ? 16.474  5.633   -10.403 1.00 40.75 ? 26 DI  C "C3'" 1 
ATOM   498 O  "O3'" . DI  C 1 6  ? 15.926  6.827   -10.969 1.00 44.93 ? 26 DI  C "O3'" 1 
ATOM   499 C  "C2'" . DI  C 1 6  ? 15.910  5.284   -9.037  1.00 36.68 ? 26 DI  C "C2'" 1 
ATOM   500 C  "C1'" . DI  C 1 6  ? 14.572  4.709   -9.435  1.00 34.39 ? 26 DI  C "C1'" 1 
ATOM   501 N  N9    . DI  C 1 6  ? 13.961  3.772   -8.510  1.00 29.92 ? 26 DI  C N9    1 
ATOM   502 C  C8    . DI  C 1 6  ? 14.571  3.010   -7.548  1.00 28.98 ? 26 DI  C C8    1 
ATOM   503 N  N7    . DI  C 1 6  ? 13.727  2.273   -6.868  1.00 28.27 ? 26 DI  C N7    1 
ATOM   504 C  C5    . DI  C 1 6  ? 12.484  2.585   -7.422  1.00 27.29 ? 26 DI  C C5    1 
ATOM   505 C  C6    . DI  C 1 6  ? 11.194  2.122   -7.092  1.00 27.00 ? 26 DI  C C6    1 
ATOM   506 O  O6    . DI  C 1 6  ? 10.855  1.321   -6.189  1.00 26.63 ? 26 DI  C O6    1 
ATOM   507 N  N1    . DI  C 1 6  ? 10.227  2.687   -7.913  1.00 27.60 ? 26 DI  C N1    1 
ATOM   508 C  C2    . DI  C 1 6  ? 10.466  3.598   -8.914  1.00 27.22 ? 26 DI  C C2    1 
ATOM   509 N  N3    . DI  C 1 6  ? 11.665  4.043   -9.225  1.00 27.27 ? 26 DI  C N3    1 
ATOM   510 C  C4    . DI  C 1 6  ? 12.620  3.495   -8.444  1.00 27.96 ? 26 DI  C C4    1 
ATOM   511 P  P     . DI  C 1 7  ? 16.196  8.261   -10.269 1.00 48.01 ? 27 DI  C P     1 
ATOM   512 O  OP1   . DI  C 1 7  ? 16.635  9.189   -11.365 1.00 47.70 ? 27 DI  C OP1   1 
ATOM   513 O  OP2   . DI  C 1 7  ? 17.017  8.143   -9.001  1.00 47.65 ? 27 DI  C OP2   1 
ATOM   514 O  "O5'" . DI  C 1 7  ? 14.714  8.668   -9.868  1.00 46.09 ? 27 DI  C "O5'" 1 
ATOM   515 C  "C5'" . DI  C 1 7  ? 13.672  8.489   -10.837 1.00 43.34 ? 27 DI  C "C5'" 1 
ATOM   516 C  "C4'" . DI  C 1 7  ? 12.335  8.745   -10.200 1.00 40.15 ? 27 DI  C "C4'" 1 
ATOM   517 O  "O4'" . DI  C 1 7  ? 11.903  7.664   -9.334  1.00 38.06 ? 27 DI  C "O4'" 1 
ATOM   518 C  "C3'" . DI  C 1 7  ? 12.416  9.984   -9.327  1.00 40.15 ? 27 DI  C "C3'" 1 
ATOM   519 O  "O3'" . DI  C 1 7  ? 11.190  10.697  -9.530  1.00 42.79 ? 27 DI  C "O3'" 1 
ATOM   520 C  "C2'" . DI  C 1 7  ? 12.574  9.394   -7.934  1.00 37.17 ? 27 DI  C "C2'" 1 
ATOM   521 C  "C1'" . DI  C 1 7  ? 11.674  8.187   -8.045  1.00 34.18 ? 27 DI  C "C1'" 1 
ATOM   522 N  N9    . DI  C 1 7  ? 11.871  7.127   -7.066  1.00 29.32 ? 27 DI  C N9    1 
ATOM   523 C  C8    . DI  C 1 7  ? 13.047  6.739   -6.468  1.00 27.63 ? 27 DI  C C8    1 
ATOM   524 N  N7    . DI  C 1 7  ? 12.869  5.800   -5.565  1.00 25.90 ? 27 DI  C N7    1 
ATOM   525 C  C5    . DI  C 1 7  ? 11.502  5.556   -5.586  1.00 24.23 ? 27 DI  C C5    1 
ATOM   526 C  C6    . DI  C 1 7  ? 10.736  4.692   -4.816  1.00 24.10 ? 27 DI  C C6    1 
ATOM   527 O  O6    . DI  C 1 7  ? 11.113  3.905   -3.936  1.00 25.43 ? 27 DI  C O6    1 
ATOM   528 N  N1    . DI  C 1 7  ? 9.388   4.779   -5.127  1.00 23.02 ? 27 DI  C N1    1 
ATOM   529 C  C2    . DI  C 1 7  ? 8.863   5.582   -6.089  1.00 23.08 ? 27 DI  C C2    1 
ATOM   530 N  N3    . DI  C 1 7  ? 9.583   6.391   -6.839  1.00 23.55 ? 27 DI  C N3    1 
ATOM   531 C  C4    . DI  C 1 7  ? 10.880  6.340   -6.523  1.00 25.36 ? 27 DI  C C4    1 
ATOM   532 P  P     . DI  C 1 8  ? 11.039  12.236  -9.056  1.00 43.80 ? 28 DI  C P     1 
ATOM   533 O  OP1   . DI  C 1 8  ? 10.857  13.013  -10.336 1.00 42.91 ? 28 DI  C OP1   1 
ATOM   534 O  OP2   . DI  C 1 8  ? 12.130  12.622  -8.083  1.00 43.46 ? 28 DI  C OP2   1 
ATOM   535 O  "O5'" . DI  C 1 8  ? 9.658   12.095  -8.292  1.00 41.11 ? 28 DI  C "O5'" 1 
ATOM   536 C  "C5'" . DI  C 1 8  ? 8.656   11.291  -8.901  1.00 38.15 ? 28 DI  C "C5'" 1 
ATOM   537 C  "C4'" . DI  C 1 8  ? 7.624   10.912  -7.885  1.00 36.57 ? 28 DI  C "C4'" 1 
ATOM   538 O  "O4'" . DI  C 1 8  ? 8.032   9.832   -7.024  1.00 34.37 ? 28 DI  C "O4'" 1 
ATOM   539 C  "C3'" . DI  C 1 8  ? 7.279   12.079  -6.980  1.00 36.77 ? 28 DI  C "C3'" 1 
ATOM   540 O  "O3'" . DI  C 1 8  ? 5.851   12.091  -6.920  1.00 39.40 ? 28 DI  C "O3'" 1 
ATOM   541 C  "C2'" . DI  C 1 8  ? 7.944   11.693  -5.669  1.00 34.04 ? 28 DI  C "C2'" 1 
ATOM   542 C  "C1'" . DI  C 1 8  ? 7.823   10.184  -5.687  1.00 30.91 ? 28 DI  C "C1'" 1 
ATOM   543 N  N9    . DI  C 1 8  ? 8.843   9.519   -4.910  1.00 27.21 ? 28 DI  C N9    1 
ATOM   544 C  C8    . DI  C 1 8  ? 10.177  9.822   -4.899  1.00 26.75 ? 28 DI  C C8    1 
ATOM   545 N  N7    . DI  C 1 8  ? 10.861  9.077   -4.069  1.00 26.24 ? 28 DI  C N7    1 
ATOM   546 C  C5    . DI  C 1 8  ? 9.916   8.228   -3.515  1.00 25.07 ? 28 DI  C C5    1 
ATOM   547 C  C6    . DI  C 1 8  ? 10.069  7.195   -2.551  1.00 25.27 ? 28 DI  C C6    1 
ATOM   548 O  O6    . DI  C 1 8  ? 11.101  6.827   -1.995  1.00 26.04 ? 28 DI  C O6    1 
ATOM   549 N  N1    . DI  C 1 8  ? 8.851   6.563   -2.256  1.00 25.22 ? 28 DI  C N1    1 
ATOM   550 C  C2    . DI  C 1 8  ? 7.652   6.887   -2.841  1.00 24.91 ? 28 DI  C C2    1 
ATOM   551 N  N3    . DI  C 1 8  ? 7.511   7.862   -3.763  1.00 25.16 ? 28 DI  C N3    1 
ATOM   552 C  C4    . DI  C 1 8  ? 8.669   8.481   -4.035  1.00 25.24 ? 28 DI  C C4    1 
ATOM   553 P  P     . DI  C 1 9  ? 5.071   13.330  -6.269  1.00 39.64 ? 29 DI  C P     1 
ATOM   554 O  OP1   . DI  C 1 9  ? 3.799   13.392  -7.064  1.00 38.09 ? 29 DI  C OP1   1 
ATOM   555 O  OP2   . DI  C 1 9  ? 6.007   14.524  -6.174  1.00 37.65 ? 29 DI  C OP2   1 
ATOM   556 O  "O5'" . DI  C 1 9  ? 4.692   12.713  -4.859  1.00 36.05 ? 29 DI  C "O5'" 1 
ATOM   557 C  "C5'" . DI  C 1 9  ? 3.913   11.527  -4.863  1.00 32.53 ? 29 DI  C "C5'" 1 
ATOM   558 C  "C4'" . DI  C 1 9  ? 3.792   11.002  -3.467  1.00 30.32 ? 29 DI  C "C4'" 1 
ATOM   559 O  "O4'" . DI  C 1 9  ? 5.008   10.389  -2.997  1.00 28.35 ? 29 DI  C "O4'" 1 
ATOM   560 C  "C3'" . DI  C 1 9  ? 3.481   12.096  -2.476  1.00 29.59 ? 29 DI  C "C3'" 1 
ATOM   561 O  "O3'" . DI  C 1 9  ? 2.598   11.470  -1.571  1.00 31.81 ? 29 DI  C "O3'" 1 
ATOM   562 C  "C2'" . DI  C 1 9  ? 4.836   12.331  -1.832  1.00 27.71 ? 29 DI  C "C2'" 1 
ATOM   563 C  "C1'" . DI  C 1 9  ? 5.329   10.907  -1.742  1.00 25.76 ? 29 DI  C "C1'" 1 
ATOM   564 N  N9    . DI  C 1 9  ? 6.760   10.705  -1.511  1.00 23.26 ? 29 DI  C N9    1 
ATOM   565 C  C8    . DI  C 1 9  ? 7.771   11.489  -1.990  1.00 23.24 ? 29 DI  C C8    1 
ATOM   566 N  N7    . DI  C 1 9  ? 8.946   11.133  -1.542  1.00 23.47 ? 29 DI  C N7    1 
ATOM   567 C  C5    . DI  C 1 9  ? 8.696   10.029  -0.742  1.00 21.58 ? 29 DI  C C5    1 
ATOM   568 C  C6    . DI  C 1 9  ? 9.594   9.225   -0.012  1.00 21.62 ? 29 DI  C C6    1 
ATOM   569 O  O6    . DI  C 1 9  ? 10.826  9.349   0.088   1.00 22.30 ? 29 DI  C O6    1 
ATOM   570 N  N1    . DI  C 1 9  ? 8.950   8.187   0.645   1.00 20.25 ? 29 DI  C N1    1 
ATOM   571 C  C2    . DI  C 1 9  ? 7.613   7.960   0.587   1.00 21.64 ? 29 DI  C C2    1 
ATOM   572 N  N3    . DI  C 1 9  ? 6.753   8.722   -0.107  1.00 22.45 ? 29 DI  C N3    1 
ATOM   573 C  C4    . DI  C 1 9  ? 7.366   9.731   -0.733  1.00 21.68 ? 29 DI  C C4    1 
ATOM   574 P  P     . DI  C 1 10 ? 1.692   12.345  -0.610  1.00 33.40 ? 30 DI  C P     1 
ATOM   575 O  OP1   . DI  C 1 10 ? 0.291   12.096  -1.103  1.00 33.00 ? 30 DI  C OP1   1 
ATOM   576 O  OP2   . DI  C 1 10 ? 2.277   13.725  -0.603  1.00 32.43 ? 30 DI  C OP2   1 
ATOM   577 O  "O5'" . DI  C 1 10 ? 1.876   11.649  0.807   1.00 30.06 ? 30 DI  C "O5'" 1 
ATOM   578 C  "C5'" . DI  C 1 10 ? 1.309   10.364  1.000   1.00 28.35 ? 30 DI  C "C5'" 1 
ATOM   579 C  "C4'" . DI  C 1 10 ? 1.868   9.735   2.244   1.00 25.65 ? 30 DI  C "C4'" 1 
ATOM   580 O  "O4'" . DI  C 1 10 ? 3.281   9.864   2.064   1.00 24.94 ? 30 DI  C "O4'" 1 
ATOM   581 C  "C3'" . DI  C 1 10 ? 1.559   10.472  3.546   1.00 24.82 ? 30 DI  C "C3'" 1 
ATOM   582 O  "O3'" . DI  C 1 10 ? 1.636   9.536   4.612   1.00 24.79 ? 30 DI  C "O3'" 1 
ATOM   583 C  "C2'" . DI  C 1 10 ? 2.793   11.330  3.747   1.00 24.03 ? 30 DI  C "C2'" 1 
ATOM   584 C  "C1'" . DI  C 1 10 ? 3.848   10.410  3.225   1.00 22.81 ? 30 DI  C "C1'" 1 
ATOM   585 N  N9    . DI  C 1 10 ? 5.131   10.984  2.851   1.00 20.52 ? 30 DI  C N9    1 
ATOM   586 C  C8    . DI  C 1 10 ? 5.351   12.026  1.999   1.00 19.03 ? 30 DI  C C8    1 
ATOM   587 N  N7    . DI  C 1 10 ? 6.617   12.278  1.820   1.00 18.58 ? 30 DI  C N7    1 
ATOM   588 C  C5    . DI  C 1 10 ? 7.273   11.334  2.609   1.00 18.69 ? 30 DI  C C5    1 
ATOM   589 C  C6    . DI  C 1 10 ? 8.658   11.102  2.804   1.00 17.91 ? 30 DI  C C6    1 
ATOM   590 O  O6    . DI  C 1 10 ? 9.615   11.699  2.290   1.00 19.41 ? 30 DI  C O6    1 
ATOM   591 N  N1    . DI  C 1 10 ? 8.894   10.067  3.691   1.00 16.62 ? 30 DI  C N1    1 
ATOM   592 C  C2    . DI  C 1 10 ? 7.926   9.318   4.292   1.00 18.07 ? 30 DI  C C2    1 
ATOM   593 N  N3    . DI  C 1 10 ? 6.627   9.500   4.096   1.00 20.16 ? 30 DI  C N3    1 
ATOM   594 C  C4    . DI  C 1 10 ? 6.377   10.539  3.256   1.00 19.60 ? 30 DI  C C4    1 
ATOM   595 O  "O5'" . DC  D 1 1  ? 16.503  5.902   5.897   1.00 28.35 ? 31 DC  D "O5'" 1 
ATOM   596 C  "C5'" . DC  D 1 1  ? 16.537  5.980   7.336   1.00 27.65 ? 31 DC  D "C5'" 1 
ATOM   597 C  "C4'" . DC  D 1 1  ? 15.151  5.953   7.936   1.00 27.41 ? 31 DC  D "C4'" 1 
ATOM   598 O  "O4'" . DC  D 1 1  ? 14.477  7.177   7.591   1.00 25.37 ? 31 DC  D "O4'" 1 
ATOM   599 C  "C3'" . DC  D 1 1  ? 14.290  4.847   7.358   1.00 29.86 ? 31 DC  D "C3'" 1 
ATOM   600 O  "O3'" . DC  D 1 1  ? 13.504  4.165   8.340   1.00 35.63 ? 31 DC  D "O3'" 1 
ATOM   601 C  "C2'" . DC  D 1 1  ? 13.396  5.567   6.380   1.00 26.78 ? 31 DC  D "C2'" 1 
ATOM   602 C  "C1'" . DC  D 1 1  ? 13.257  6.928   6.978   1.00 22.62 ? 31 DC  D "C1'" 1 
ATOM   603 N  N1    . DC  D 1 1  ? 13.112  7.875   5.900   1.00 20.36 ? 31 DC  D N1    1 
ATOM   604 C  C2    . DC  D 1 1  ? 11.851  8.192   5.491   1.00 20.77 ? 31 DC  D C2    1 
ATOM   605 O  O2    . DC  D 1 1  ? 10.891  7.794   6.190   1.00 23.03 ? 31 DC  D O2    1 
ATOM   606 N  N3    . DC  D 1 1  ? 11.678  8.936   4.364   1.00 18.51 ? 31 DC  D N3    1 
ATOM   607 C  C4    . DC  D 1 1  ? 12.742  9.398   3.716   1.00 18.23 ? 31 DC  D C4    1 
ATOM   608 N  N4    . DC  D 1 1  ? 12.547  10.101  2.601   1.00 17.91 ? 31 DC  D N4    1 
ATOM   609 C  C5    . DC  D 1 1  ? 14.056  9.157   4.175   1.00 18.50 ? 31 DC  D C5    1 
ATOM   610 C  C6    . DC  D 1 1  ? 14.193  8.393   5.268   1.00 19.13 ? 31 DC  D C6    1 
ATOM   611 P  P     . DC  D 1 2  ? 12.897  2.706   7.970   1.00 40.41 ? 32 DC  D P     1 
ATOM   612 O  OP1   . DC  D 1 2  ? 12.537  2.012   9.264   1.00 41.47 ? 32 DC  D OP1   1 
ATOM   613 O  OP2   . DC  D 1 2  ? 13.752  2.039   6.939   1.00 39.28 ? 32 DC  D OP2   1 
ATOM   614 O  "O5'" . DC  D 1 2  ? 11.544  3.011   7.213   1.00 39.55 ? 32 DC  D "O5'" 1 
ATOM   615 C  "C5'" . DC  D 1 2  ? 10.450  3.539   7.938   1.00 37.67 ? 32 DC  D "C5'" 1 
ATOM   616 C  "C4'" . DC  D 1 2  ? 9.298   3.710   6.998   1.00 36.10 ? 32 DC  D "C4'" 1 
ATOM   617 O  "O4'" . DC  D 1 2  ? 9.637   4.733   6.045   1.00 34.62 ? 32 DC  D "O4'" 1 
ATOM   618 C  "C3'" . DC  D 1 2  ? 9.065   2.450   6.189   1.00 36.77 ? 32 DC  D "C3'" 1 
ATOM   619 O  "O3'" . DC  D 1 2  ? 7.663   2.184   6.194   1.00 39.28 ? 32 DC  D "O3'" 1 
ATOM   620 C  "C2'" . DC  D 1 2  ? 9.630   2.796   4.819   1.00 34.42 ? 32 DC  D "C2'" 1 
ATOM   621 C  "C1'" . DC  D 1 2  ? 9.400   4.275   4.754   1.00 32.30 ? 32 DC  D "C1'" 1 
ATOM   622 N  N1    . DC  D 1 2  ? 10.224  5.069   3.839   1.00 30.55 ? 32 DC  D N1    1 
ATOM   623 C  C2    . DC  D 1 2  ? 9.565   5.828   2.927   1.00 30.39 ? 32 DC  D C2    1 
ATOM   624 O  O2    . DC  D 1 2  ? 8.345   5.781   2.937   1.00 32.77 ? 32 DC  D O2    1 
ATOM   625 N  N3    . DC  D 1 2  ? 10.246  6.599   2.045   1.00 29.41 ? 32 DC  D N3    1 
ATOM   626 C  C4    . DC  D 1 2  ? 11.569  6.611   2.081   1.00 29.38 ? 32 DC  D C4    1 
ATOM   627 N  N4    . DC  D 1 2  ? 12.205  7.388   1.195   1.00 28.70 ? 32 DC  D N4    1 
ATOM   628 C  C5    . DC  D 1 2  ? 12.300  5.825   3.028   1.00 28.34 ? 32 DC  D C5    1 
ATOM   629 C  C6    . DC  D 1 2  ? 11.588  5.075   3.884   1.00 29.23 ? 32 DC  D C6    1 
ATOM   630 P  P     . DC  D 1 3  ? 7.114   0.776   5.671   1.00 40.96 ? 33 DC  D P     1 
ATOM   631 O  OP1   . DC  D 1 3  ? 6.177   0.282   6.709   1.00 41.43 ? 33 DC  D OP1   1 
ATOM   632 O  OP2   . DC  D 1 3  ? 8.234   -0.085  5.163   1.00 40.69 ? 33 DC  D OP2   1 
ATOM   633 O  "O5'" . DC  D 1 3  ? 6.229   1.233   4.461   1.00 39.23 ? 33 DC  D "O5'" 1 
ATOM   634 C  "C5'" . DC  D 1 3  ? 5.367   2.305   4.681   1.00 36.63 ? 33 DC  D "C5'" 1 
ATOM   635 C  "C4'" . DC  D 1 3  ? 4.908   2.843   3.366   1.00 34.48 ? 33 DC  D "C4'" 1 
ATOM   636 O  "O4'" . DC  D 1 3  ? 6.001   3.525   2.738   1.00 32.46 ? 33 DC  D "O4'" 1 
ATOM   637 C  "C3'" . DC  D 1 3  ? 4.457   1.755   2.408   1.00 34.25 ? 33 DC  D "C3'" 1 
ATOM   638 O  "O3'" . DC  D 1 3  ? 3.183   2.178   1.952   1.00 37.59 ? 33 DC  D "O3'" 1 
ATOM   639 C  "C2'" . DC  D 1 3  ? 5.516   1.793   1.315   1.00 31.56 ? 33 DC  D "C2'" 1 
ATOM   640 C  "C1'" . DC  D 1 3  ? 5.992   3.225   1.383   1.00 29.61 ? 33 DC  D "C1'" 1 
ATOM   641 N  N1    . DC  D 1 3  ? 7.316   3.558   0.864   1.00 26.59 ? 33 DC  D N1    1 
ATOM   642 C  C2    . DC  D 1 3  ? 7.428   4.606   -0.036  1.00 25.52 ? 33 DC  D C2    1 
ATOM   643 O  O2    . DC  D 1 3  ? 6.421   5.218   -0.349  1.00 25.78 ? 33 DC  D O2    1 
ATOM   644 N  N3    . DC  D 1 3  ? 8.625   4.935   -0.539  1.00 23.99 ? 33 DC  D N3    1 
ATOM   645 C  C4    . DC  D 1 3  ? 9.694   4.249   -0.169  1.00 24.00 ? 33 DC  D C4    1 
ATOM   646 N  N4    . DC  D 1 3  ? 10.866  4.589   -0.715  1.00 23.36 ? 33 DC  D N4    1 
ATOM   647 C  C5    . DC  D 1 3  ? 9.618   3.182   0.768   1.00 23.79 ? 33 DC  D C5    1 
ATOM   648 C  C6    . DC  D 1 3  ? 8.416   2.869   1.253   1.00 24.81 ? 33 DC  D C6    1 
HETATM 649 BR BR    . CBR D 1 4  ? 7.738   0.081   -1.425  1.00 46.38 ? 34 CBR D BR    1 
HETATM 650 P  P     . CBR D 1 4  ? 2.249   1.180   1.147   1.00 39.29 ? 34 CBR D P     1 
HETATM 651 O  OP1   . CBR D 1 4  ? 0.869   1.237   1.693   1.00 38.25 ? 34 CBR D OP1   1 
HETATM 652 O  OP2   . CBR D 1 4  ? 3.034   -0.090  1.200   1.00 40.43 ? 34 CBR D OP2   1 
HETATM 653 O  "O5'" . CBR D 1 4  ? 2.224   1.812   -0.309  1.00 38.22 ? 34 CBR D "O5'" 1 
HETATM 654 N  N1    . CBR D 1 4  ? 5.656   3.093   -3.226  1.00 37.86 ? 34 CBR D N1    1 
HETATM 655 C  C6    . CBR D 1 4  ? 5.987   1.978   -2.522  1.00 39.64 ? 34 CBR D C6    1 
HETATM 656 C  C2    . CBR D 1 4  ? 6.657   3.793   -3.930  1.00 38.34 ? 34 CBR D C2    1 
HETATM 657 O  O2    . CBR D 1 4  ? 6.370   4.779   -4.589  1.00 38.46 ? 34 CBR D O2    1 
HETATM 658 N  N3    . CBR D 1 4  ? 7.932   3.361   -3.872  1.00 39.09 ? 34 CBR D N3    1 
HETATM 659 C  C4    . CBR D 1 4  ? 8.231   2.290   -3.144  1.00 39.95 ? 34 CBR D C4    1 
HETATM 660 N  N4    . CBR D 1 4  ? 9.493   1.919   -3.065  1.00 39.33 ? 34 CBR D N4    1 
HETATM 661 C  C5    . CBR D 1 4  ? 7.254   1.567   -2.453  1.00 40.32 ? 34 CBR D C5    1 
HETATM 662 C  "C2'" . CBR D 1 4  ? 3.251   2.539   -3.684  1.00 39.00 ? 34 CBR D "C2'" 1 
HETATM 663 C  "C5'" . CBR D 1 4  ? 1.954   3.191   -0.444  1.00 38.12 ? 34 CBR D "C5'" 1 
HETATM 664 C  "C4'" . CBR D 1 4  ? 2.431   3.715   -1.774  1.00 38.47 ? 34 CBR D "C4'" 1 
HETATM 665 O  "O4'" . CBR D 1 4  ? 3.872   3.822   -1.897  1.00 39.04 ? 34 CBR D "O4'" 1 
HETATM 666 C  "C1'" . CBR D 1 4  ? 4.255   3.572   -3.234  1.00 38.29 ? 34 CBR D "C1'" 1 
HETATM 667 C  "C3'" . CBR D 1 4  ? 1.965   2.916   -2.964  1.00 38.51 ? 34 CBR D "C3'" 1 
HETATM 668 O  "O3'" . CBR D 1 4  ? 1.204   3.776   -3.760  1.00 39.41 ? 34 CBR D "O3'" 1 
ATOM   669 P  P     . DC  D 1 5  ? 0.365   3.185   -4.978  1.00 40.43 ? 35 DC  D P     1 
ATOM   670 O  OP1   . DC  D 1 5  ? -0.868  4.016   -5.081  1.00 40.68 ? 35 DC  D OP1   1 
ATOM   671 O  OP2   . DC  D 1 5  ? 0.237   1.718   -4.788  1.00 40.38 ? 35 DC  D OP2   1 
ATOM   672 O  "O5'" . DC  D 1 5  ? 1.339   3.571   -6.178  1.00 40.06 ? 35 DC  D "O5'" 1 
ATOM   673 C  "C5'" . DC  D 1 5  ? 1.746   4.933   -6.278  1.00 40.06 ? 35 DC  D "C5'" 1 
ATOM   674 C  "C4'" . DC  D 1 5  ? 2.585   5.150   -7.502  1.00 40.16 ? 35 DC  D "C4'" 1 
ATOM   675 O  "O4'" . DC  D 1 5  ? 3.996   4.869   -7.340  1.00 39.26 ? 35 DC  D "O4'" 1 
ATOM   676 C  "C3'" . DC  D 1 5  ? 2.092   4.320   -8.658  1.00 41.23 ? 35 DC  D "C3'" 1 
ATOM   677 O  "O3'" . DC  D 1 5  ? 2.074   5.176   -9.776  1.00 45.69 ? 35 DC  D "O3'" 1 
ATOM   678 C  "C2'" . DC  D 1 5  ? 3.140   3.227   -8.761  1.00 39.34 ? 35 DC  D "C2'" 1 
ATOM   679 C  "C1'" . DC  D 1 5  ? 4.418   3.913   -8.297  1.00 36.73 ? 35 DC  D "C1'" 1 
ATOM   680 N  N1    . DC  D 1 5  ? 5.389   3.009   -7.633  1.00 33.00 ? 35 DC  D N1    1 
ATOM   681 C  C2    . DC  D 1 5  ? 6.772   3.213   -7.824  1.00 31.66 ? 35 DC  D C2    1 
ATOM   682 O  O2    . DC  D 1 5  ? 7.156   4.170   -8.533  1.00 32.22 ? 35 DC  D O2    1 
ATOM   683 N  N3    . DC  D 1 5  ? 7.657   2.378   -7.220  1.00 28.37 ? 35 DC  D N3    1 
ATOM   684 C  C4    . DC  D 1 5  ? 7.212   1.413   -6.433  1.00 27.25 ? 35 DC  D C4    1 
ATOM   685 N  N4    . DC  D 1 5  ? 8.102   0.662   -5.822  1.00 26.95 ? 35 DC  D N4    1 
ATOM   686 C  C5    . DC  D 1 5  ? 5.827   1.184   -6.227  1.00 28.06 ? 35 DC  D C5    1 
ATOM   687 C  C6    . DC  D 1 5  ? 4.958   1.995   -6.838  1.00 30.40 ? 35 DC  D C6    1 
ATOM   688 P  P     . DI  D 1 6  ? 1.700   4.595   -11.217 1.00 49.28 ? 36 DI  D P     1 
ATOM   689 O  OP1   . DI  D 1 6  ? 0.894   5.610   -11.993 1.00 49.24 ? 36 DI  D OP1   1 
ATOM   690 O  OP2   . DI  D 1 6  ? 1.154   3.203   -10.994 1.00 48.96 ? 36 DI  D OP2   1 
ATOM   691 O  "O5'" . DI  D 1 6  ? 3.137   4.551   -11.888 1.00 48.13 ? 36 DI  D "O5'" 1 
ATOM   692 C  "C5'" . DI  D 1 6  ? 3.870   5.769   -12.023 1.00 46.57 ? 36 DI  D "C5'" 1 
ATOM   693 C  "C4'" . DI  D 1 6  ? 5.050   5.539   -12.926 1.00 45.12 ? 36 DI  D "C4'" 1 
ATOM   694 O  "O4'" . DI  D 1 6  ? 5.997   4.677   -12.251 1.00 43.19 ? 36 DI  D "O4'" 1 
ATOM   695 C  "C3'" . DI  D 1 6  ? 4.652   4.815   -14.203 1.00 44.78 ? 36 DI  D "C3'" 1 
ATOM   696 O  "O3'" . DI  D 1 6  ? 5.481   5.296   -15.246 1.00 47.57 ? 36 DI  D "O3'" 1 
ATOM   697 C  "C2'" . DI  D 1 6  ? 4.923   3.359   -13.872 1.00 41.96 ? 36 DI  D "C2'" 1 
ATOM   698 C  "C1'" . DI  D 1 6  ? 6.139   3.457   -12.958 1.00 39.27 ? 36 DI  D "C1'" 1 
ATOM   699 N  N9    . DI  D 1 6  ? 6.266   2.399   -11.965 1.00 34.30 ? 36 DI  D N9    1 
ATOM   700 C  C8    . DI  D 1 6  ? 5.250   1.676   -11.398 1.00 32.44 ? 36 DI  D C8    1 
ATOM   701 N  N7    . DI  D 1 6  ? 5.675   0.795   -10.535 1.00 31.12 ? 36 DI  D N7    1 
ATOM   702 C  C5    . DI  D 1 6  ? 7.056   0.950   -10.531 1.00 29.89 ? 36 DI  D C5    1 
ATOM   703 C  C6    . DI  D 1 6  ? 8.046   0.273   -9.784  1.00 29.39 ? 36 DI  D C6    1 
ATOM   704 O  O6    . DI  D 1 6  ? 7.897   -0.644  -8.964  1.00 29.46 ? 36 DI  D O6    1 
ATOM   705 N  N1    . DI  D 1 6  ? 9.327   0.747   -10.066 1.00 29.01 ? 36 DI  D N1    1 
ATOM   706 C  C2    . DI  D 1 6  ? 9.614   1.740   -10.970 1.00 29.68 ? 36 DI  D C2    1 
ATOM   707 N  N3    . DI  D 1 6  ? 8.689   2.379   -11.688 1.00 30.68 ? 36 DI  D N3    1 
ATOM   708 C  C4    . DI  D 1 6  ? 7.438   1.933   -11.409 1.00 31.39 ? 36 DI  D C4    1 
ATOM   709 P  P     . DI  D 1 7  ? 5.387   4.623   -16.693 1.00 50.87 ? 37 DI  D P     1 
ATOM   710 O  OP1   . DI  D 1 7  ? 5.388   5.687   -17.748 1.00 51.36 ? 37 DI  D OP1   1 
ATOM   711 O  OP2   . DI  D 1 7  ? 4.245   3.617   -16.613 1.00 50.25 ? 37 DI  D OP2   1 
ATOM   712 O  "O5'" . DI  D 1 7  ? 6.814   3.937   -16.841 1.00 48.79 ? 37 DI  D "O5'" 1 
ATOM   713 C  "C5'" . DI  D 1 7  ? 7.998   4.694   -16.503 1.00 44.85 ? 37 DI  D "C5'" 1 
ATOM   714 C  "C4'" . DI  D 1 7  ? 9.211   3.792   -16.507 1.00 41.22 ? 37 DI  D "C4'" 1 
ATOM   715 O  "O4'" . DI  D 1 7  ? 9.177   2.821   -15.420 1.00 38.35 ? 37 DI  D "O4'" 1 
ATOM   716 C  "C3'" . DI  D 1 7  ? 9.314   2.975   -17.788 1.00 40.39 ? 37 DI  D "C3'" 1 
ATOM   717 O  "O3'" . DI  D 1 7  ? 10.710  2.922   -18.138 1.00 42.77 ? 37 DI  D "O3'" 1 
ATOM   718 C  "C2'" . DI  D 1 7  ? 8.713   1.639   -17.377 1.00 36.55 ? 37 DI  D "C2'" 1 
ATOM   719 C  "C1'" . DI  D 1 7  ? 9.222   1.515   -15.957 1.00 32.60 ? 37 DI  D "C1'" 1 
ATOM   720 N  N9    . DI  D 1 7  ? 8.499   0.616   -15.062 1.00 26.52 ? 37 DI  D N9    1 
ATOM   721 C  C8    . DI  D 1 7  ? 7.151   0.335   -15.046 1.00 23.87 ? 37 DI  D C8    1 
ATOM   722 N  N7    . DI  D 1 7  ? 6.830   -0.578  -14.146 1.00 22.15 ? 37 DI  D N7    1 
ATOM   723 C  C5    . DI  D 1 7  ? 8.036   -0.906  -13.527 1.00 20.92 ? 37 DI  D C5    1 
ATOM   724 C  C6    . DI  D 1 7  ? 8.335   -1.864  -12.483 1.00 19.86 ? 37 DI  D C6    1 
ATOM   725 O  O6    . DI  D 1 7  ? 7.565   -2.615  -11.855 1.00 18.57 ? 37 DI  D O6    1 
ATOM   726 N  N1    . DI  D 1 7  ? 9.692   -1.892  -12.187 1.00 19.39 ? 37 DI  D N1    1 
ATOM   727 C  C2    . DI  D 1 7  ? 10.646  -1.085  -12.780 1.00 20.82 ? 37 DI  D C2    1 
ATOM   728 N  N3    . DI  D 1 7  ? 10.385  -0.188  -13.738 1.00 21.76 ? 37 DI  D N3    1 
ATOM   729 C  C4    . DI  D 1 7  ? 9.073   -0.164  -14.068 1.00 22.81 ? 37 DI  D C4    1 
ATOM   730 P  P     . DI  D 1 8  ? 11.193  2.246   -19.530 1.00 44.42 ? 38 DI  D P     1 
ATOM   731 O  OP1   . DI  D 1 8  ? 11.925  3.281   -20.349 1.00 43.01 ? 38 DI  D OP1   1 
ATOM   732 O  OP2   . DI  D 1 8  ? 10.059  1.440   -20.155 1.00 43.44 ? 38 DI  D OP2   1 
ATOM   733 O  "O5'" . DI  D 1 8  ? 12.255  1.220   -18.965 1.00 40.86 ? 38 DI  D "O5'" 1 
ATOM   734 C  "C5'" . DI  D 1 8  ? 13.120  1.611   -17.923 1.00 36.56 ? 38 DI  D "C5'" 1 
ATOM   735 C  "C4'" . DI  D 1 8  ? 13.748  0.381   -17.333 1.00 34.19 ? 38 DI  D "C4'" 1 
ATOM   736 O  "O4'" . DI  D 1 8  ? 12.804  -0.356  -16.526 1.00 31.41 ? 38 DI  D "O4'" 1 
ATOM   737 C  "C3'" . DI  D 1 8  ? 14.227  -0.581  -18.415 1.00 33.83 ? 38 DI  D "C3'" 1 
ATOM   738 O  "O3'" . DI  D 1 8  ? 15.551  -1.036  -18.094 1.00 36.56 ? 38 DI  D "O3'" 1 
ATOM   739 C  "C2'" . DI  D 1 8  ? 13.191  -1.687  -18.386 1.00 30.87 ? 38 DI  D "C2'" 1 
ATOM   740 C  "C1'" . DI  D 1 8  ? 12.825  -1.698  -16.919 1.00 27.88 ? 38 DI  D "C1'" 1 
ATOM   741 N  N9    . DI  D 1 8  ? 11.529  -2.269  -16.604 1.00 23.74 ? 38 DI  D N9    1 
ATOM   742 C  C8    . DI  D 1 8  ? 10.313  -2.040  -17.226 1.00 22.23 ? 38 DI  D C8    1 
ATOM   743 N  N7    . DI  D 1 8  ? 9.330   -2.729  -16.680 1.00 21.21 ? 38 DI  D N7    1 
ATOM   744 C  C5    . DI  D 1 8  ? 9.944   -3.441  -15.644 1.00 18.58 ? 38 DI  D C5    1 
ATOM   745 C  C6    . DI  D 1 8  ? 9.396   -4.305  -14.693 1.00 18.46 ? 38 DI  D C6    1 
ATOM   746 O  O6    . DI  D 1 8  ? 8.206   -4.625  -14.532 1.00 18.72 ? 38 DI  D O6    1 
ATOM   747 N  N1    . DI  D 1 8  ? 10.364  -4.802  -13.831 1.00 18.93 ? 38 DI  D N1    1 
ATOM   748 C  C2    . DI  D 1 8  ? 11.690  -4.467  -13.857 1.00 19.06 ? 38 DI  D C2    1 
ATOM   749 N  N3    . DI  D 1 8  ? 12.215  -3.631  -14.741 1.00 19.33 ? 38 DI  D N3    1 
ATOM   750 C  C4    . DI  D 1 8  ? 11.293  -3.171  -15.595 1.00 19.92 ? 38 DI  D C4    1 
ATOM   751 P  P     . DI  D 1 9  ? 16.446  -1.758  -19.215 1.00 36.61 ? 39 DI  D P     1 
ATOM   752 O  OP1   . DI  D 1 9  ? 17.816  -1.199  -19.108 1.00 36.24 ? 39 DI  D OP1   1 
ATOM   753 O  OP2   . DI  D 1 9  ? 15.739  -1.777  -20.530 1.00 36.93 ? 39 DI  D OP2   1 
ATOM   754 O  "O5'" . DI  D 1 9  ? 16.451  -3.241  -18.666 1.00 35.41 ? 39 DI  D "O5'" 1 
ATOM   755 C  "C5'" . DI  D 1 9  ? 16.824  -3.485  -17.309 1.00 32.67 ? 39 DI  D "C5'" 1 
ATOM   756 C  "C4'" . DI  D 1 9  ? 16.390  -4.875  -16.918 1.00 30.47 ? 39 DI  D "C4'" 1 
ATOM   757 O  "O4'" . DI  D 1 9  ? 14.974  -4.995  -16.659 1.00 29.51 ? 39 DI  D "O4'" 1 
ATOM   758 C  "C3'" . DI  D 1 9  ? 16.686  -5.908  -18.004 1.00 29.85 ? 39 DI  D "C3'" 1 
ATOM   759 O  "O3'" . DI  D 1 9  ? 17.044  -7.097  -17.323 1.00 30.17 ? 39 DI  D "O3'" 1 
ATOM   760 C  "C2'" . DI  D 1 9  ? 15.323  -6.142  -18.620 1.00 27.15 ? 39 DI  D "C2'" 1 
ATOM   761 C  "C1'" . DI  D 1 9  ? 14.509  -6.141  -17.354 1.00 25.78 ? 39 DI  D "C1'" 1 
ATOM   762 N  N9    . DI  D 1 9  ? 13.080  -6.005  -17.586 1.00 21.79 ? 39 DI  D N9    1 
ATOM   763 C  C8    . DI  D 1 9  ? 12.494  -5.265  -18.568 1.00 20.51 ? 39 DI  D C8    1 
ATOM   764 N  N7    . DI  D 1 9  ? 11.199  -5.395  -18.588 1.00 20.69 ? 39 DI  D N7    1 
ATOM   765 C  C5    . DI  D 1 9  ? 10.925  -6.254  -17.534 1.00 18.85 ? 39 DI  D C5    1 
ATOM   766 C  C6    . DI  D 1 9  ? 9.717   -6.728  -17.080 1.00 19.73 ? 39 DI  D C6    1 
ATOM   767 O  O6    . DI  D 1 9  ? 8.583   -6.436  -17.498 1.00 22.16 ? 39 DI  D O6    1 
ATOM   768 N  N1    . DI  D 1 9  ? 9.867   -7.612  -16.012 1.00 19.26 ? 39 DI  D N1    1 
ATOM   769 C  C2    . DI  D 1 9  ? 11.050  -7.933  -15.437 1.00 18.73 ? 39 DI  D C2    1 
ATOM   770 N  N3    . DI  D 1 9  ? 12.206  -7.443  -15.850 1.00 19.38 ? 39 DI  D N3    1 
ATOM   771 C  C4    . DI  D 1 9  ? 12.065  -6.626  -16.902 1.00 18.81 ? 39 DI  D C4    1 
ATOM   772 P  P     . DI  D 1 10 ? 18.081  -8.103  -17.966 1.00 28.20 ? 40 DI  D P     1 
ATOM   773 O  OP1   . DI  D 1 10 ? 19.273  -7.974  -17.061 1.00 27.27 ? 40 DI  D OP1   1 
ATOM   774 O  OP2   . DI  D 1 10 ? 18.197  -7.859  -19.442 1.00 25.82 ? 40 DI  D OP2   1 
ATOM   775 O  "O5'" . DI  D 1 10 ? 17.334  -9.466  -17.649 1.00 26.77 ? 40 DI  D "O5'" 1 
ATOM   776 C  "C5'" . DI  D 1 10 ? 17.214  -9.847  -16.282 1.00 26.26 ? 40 DI  D "C5'" 1 
ATOM   777 C  "C4'" . DI  D 1 10 ? 16.118  -10.862 -16.116 1.00 25.79 ? 40 DI  D "C4'" 1 
ATOM   778 O  "O4'" . DI  D 1 10 ? 14.845  -10.260 -16.467 1.00 25.19 ? 40 DI  D "O4'" 1 
ATOM   779 C  "C3'" . DI  D 1 10 ? 16.268  -12.074 -17.020 1.00 25.90 ? 40 DI  D "C3'" 1 
ATOM   780 O  "O3'" . DI  D 1 10 ? 16.283  -12.974 -15.883 1.00 27.23 ? 40 DI  D "O3'" 1 
ATOM   781 C  "C2'" . DI  D 1 10 ? 15.109  -11.910 -17.992 1.00 25.34 ? 40 DI  D "C2'" 1 
ATOM   782 C  "C1'" . DI  D 1 10 ? 14.077  -11.186 -17.144 1.00 22.52 ? 40 DI  D "C1'" 1 
ATOM   783 N  N9    . DI  D 1 10 ? 13.099  -10.443 -17.914 1.00 20.35 ? 40 DI  D N9    1 
ATOM   784 C  C8    . DI  D 1 10 ? 13.384  -9.578  -18.944 1.00 19.92 ? 40 DI  D C8    1 
ATOM   785 N  N7    . DI  D 1 10 ? 12.307  -9.069  -19.498 1.00 19.81 ? 40 DI  D N7    1 
ATOM   786 C  C5    . DI  D 1 10 ? 11.245  -9.614  -18.763 1.00 18.59 ? 40 DI  D C5    1 
ATOM   787 C  C6    . DI  D 1 10 ? 9.842   -9.409  -18.885 1.00 17.88 ? 40 DI  D C6    1 
ATOM   788 O  O6    . DI  D 1 10 ? 9.251   -8.698  -19.694 1.00 18.72 ? 40 DI  D O6    1 
ATOM   789 N  N1    . DI  D 1 10 ? 9.120   -10.141 -17.948 1.00 16.61 ? 40 DI  D N1    1 
ATOM   790 C  C2    . DI  D 1 10 ? 9.677   -10.974 -17.025 1.00 18.24 ? 40 DI  D C2    1 
ATOM   791 N  N3    . DI  D 1 10 ? 10.999  -11.183 -16.906 1.00 19.33 ? 40 DI  D N3    1 
ATOM   792 C  C4    . DI  D 1 10 ? 11.712  -10.469 -17.793 1.00 18.83 ? 40 DI  D C4    1 
HETATM 793 C  C1    . NT  E 2 .  ? -15.365 1.582   4.161   1.00 58.54 ? 41 NT  A C1    1 
HETATM 794 N  N1    . NT  E 2 .  ? -15.693 1.312   2.886   1.00 59.41 ? 41 NT  A N1    1 
HETATM 795 N  N2    . NT  E 2 .  ? -14.832 0.653   5.005   1.00 58.48 ? 41 NT  A N2    1 
HETATM 796 N  N3    . NT  E 2 .  ? -15.590 2.836   4.549   1.00 56.74 ? 41 NT  A N3    1 
HETATM 797 C  C2    . NT  E 2 .  ? -15.437 2.951   5.962   1.00 55.13 ? 41 NT  A C2    1 
HETATM 798 C  C3    . NT  E 2 .  ? -16.077 4.122   6.651   1.00 54.17 ? 41 NT  A C3    1 
HETATM 799 O  O1    . NT  E 2 .  ? -17.256 3.906   6.895   1.00 55.40 ? 41 NT  A O1    1 
HETATM 800 N  N4    . NT  E 2 .  ? -15.318 5.209   6.911   1.00 51.98 ? 41 NT  A N4    1 
HETATM 801 C  C4    . NT  E 2 .  ? -15.528 6.383   7.620   1.00 49.17 ? 41 NT  A C4    1 
HETATM 802 C  C5    . NT  E 2 .  ? -14.519 7.299   7.796   1.00 47.97 ? 41 NT  A C5    1 
HETATM 803 C  C6    . NT  E 2 .  ? -14.948 8.280   8.632   1.00 47.06 ? 41 NT  A C6    1 
HETATM 804 N  N5    . NT  E 2 .  ? -16.216 7.987   8.970   1.00 47.87 ? 41 NT  A N5    1 
HETATM 805 C  C8    . NT  E 2 .  ? -17.134 8.770   9.900   1.00 48.01 ? 41 NT  A C8    1 
HETATM 806 C  C7    . NT  E 2 .  ? -16.616 6.856   8.386   1.00 48.43 ? 41 NT  A C7    1 
HETATM 807 C  C9    . NT  E 2 .  ? -14.264 9.444   9.155   1.00 46.62 ? 41 NT  A C9    1 
HETATM 808 O  O2    . NT  E 2 .  ? -14.733 10.026  10.119  1.00 45.98 ? 41 NT  A O2    1 
HETATM 809 N  N6    . NT  E 2 .  ? -13.145 9.849   8.538   1.00 46.17 ? 41 NT  A N6    1 
HETATM 810 C  C10   . NT  E 2 .  ? -12.450 10.971  8.993   1.00 45.76 ? 41 NT  A C10   1 
HETATM 811 C  C11   . NT  E 2 .  ? -11.357 11.577  8.414   1.00 46.22 ? 41 NT  A C11   1 
HETATM 812 C  C12   . NT  E 2 .  ? -11.013 12.683  9.178   1.00 46.13 ? 41 NT  A C12   1 
HETATM 813 N  N7    . NT  E 2 .  ? -11.854 12.764  10.216  1.00 46.87 ? 41 NT  A N7    1 
HETATM 814 C  C14   . NT  E 2 .  ? -11.905 13.809  11.315  1.00 47.78 ? 41 NT  A C14   1 
HETATM 815 C  C13   . NT  E 2 .  ? -12.719 11.764  10.140  1.00 46.35 ? 41 NT  A C13   1 
HETATM 816 C  C15   . NT  E 2 .  ? -10.047 13.738  8.953   1.00 46.29 ? 41 NT  A C15   1 
HETATM 817 O  O3    . NT  E 2 .  ? -9.771  14.596  9.784   1.00 45.95 ? 41 NT  A O3    1 
HETATM 818 N  N8    . NT  E 2 .  ? -9.610  13.699  7.694   1.00 47.69 ? 41 NT  A N8    1 
HETATM 819 C  C16   . NT  E 2 .  ? -8.713  14.698  7.168   1.00 48.46 ? 41 NT  A C16   1 
HETATM 820 C  C17   . NT  E 2 .  ? -7.637  15.083  8.173   1.00 48.67 ? 41 NT  A C17   1 
HETATM 821 C  C18   . NT  E 2 .  ? -6.566  15.949  7.572   1.00 49.63 ? 41 NT  A C18   1 
HETATM 822 N  N9    . NT  E 2 .  ? -6.506  16.224  6.240   1.00 49.10 ? 41 NT  A N9    1 
HETATM 823 N  N10   . NT  E 2 .  ? -5.728  16.237  8.571   1.00 50.11 ? 41 NT  A N10   1 
HETATM 824 C  C1    . NT  F 2 .  ? -12.985 -4.008  2.836   1.00 65.88 ? 42 NT  A C1    1 
HETATM 825 N  N1    . NT  F 2 .  ? -13.522 -3.342  1.807   1.00 67.00 ? 42 NT  A N1    1 
HETATM 826 N  N2    . NT  F 2 .  ? -13.310 -3.803  4.123   1.00 65.56 ? 42 NT  A N2    1 
HETATM 827 N  N3    . NT  F 2 .  ? -12.022 -4.854  2.543   1.00 64.69 ? 42 NT  A N3    1 
HETATM 828 C  C2    . NT  F 2 .  ? -10.838 -4.240  3.078   1.00 64.14 ? 42 NT  A C2    1 
HETATM 829 C  C3    . NT  F 2 .  ? -9.848  -5.264  2.602   1.00 63.26 ? 42 NT  A C3    1 
HETATM 830 O  O1    . NT  F 2 .  ? -9.918  -5.514  1.397   1.00 64.09 ? 42 NT  A O1    1 
HETATM 831 N  N4    . NT  F 2 .  ? -9.045  -5.819  3.538   1.00 61.69 ? 42 NT  A N4    1 
HETATM 832 C  C4    . NT  F 2 .  ? -8.056  -6.769  3.297   1.00 59.49 ? 42 NT  A C4    1 
HETATM 833 C  C5    . NT  F 2 .  ? -7.084  -7.161  4.196   1.00 57.95 ? 42 NT  A C5    1 
HETATM 834 C  C6    . NT  F 2 .  ? -6.268  -8.080  3.582   1.00 56.19 ? 42 NT  A C6    1 
HETATM 835 N  N5    . NT  F 2 .  ? -6.733  -8.246  2.317   1.00 56.95 ? 42 NT  A N5    1 
HETATM 836 C  C8    . NT  F 2 .  ? -6.237  -9.106  1.172   1.00 57.40 ? 42 NT  A C8    1 
HETATM 837 C  C7    . NT  F 2 .  ? -7.802  -7.493  2.101   1.00 58.20 ? 42 NT  A C7    1 
HETATM 838 C  C9    . NT  F 2 .  ? -5.139  -8.798  4.166   1.00 54.39 ? 42 NT  A C9    1 
HETATM 839 O  O2    . NT  F 2 .  ? -4.371  -9.501  3.516   1.00 55.33 ? 42 NT  A O2    1 
HETATM 840 N  N6    . NT  F 2 .  ? -5.010  -8.672  5.489   1.00 50.86 ? 42 NT  A N6    1 
HETATM 841 C  C10   . NT  F 2 .  ? -3.989  -9.294  6.198   1.00 47.57 ? 42 NT  A C10   1 
HETATM 842 C  C11   . NT  F 2 .  ? -4.051  -9.703  7.518   1.00 46.17 ? 42 NT  A C11   1 
HETATM 843 C  C12   . NT  F 2 .  ? -2.843  -10.194 7.915   1.00 44.36 ? 42 NT  A C12   1 
HETATM 844 N  N7    . NT  F 2 .  ? -2.051  -10.108 6.809   1.00 45.20 ? 42 NT  A N7    1 
HETATM 845 C  C14   . NT  F 2 .  ? -0.607  -10.470 6.557   1.00 45.21 ? 42 NT  A C14   1 
HETATM 846 C  C13   . NT  F 2 .  ? -2.675  -9.579  5.764   1.00 46.03 ? 42 NT  A C13   1 
HETATM 847 C  C15   . NT  F 2 .  ? -2.450  -10.581 9.270   1.00 42.88 ? 42 NT  A C15   1 
HETATM 848 O  O3    . NT  F 2 .  ? -1.297  -10.547 9.673   1.00 43.75 ? 42 NT  A O3    1 
HETATM 849 N  N8    . NT  F 2 .  ? -3.397  -10.931 10.140  1.00 40.36 ? 42 NT  A N8    1 
HETATM 850 C  C16   . NT  F 2 .  ? -3.023  -11.292 11.506  1.00 38.14 ? 42 NT  A C16   1 
HETATM 851 C  C17   . NT  F 2 .  ? -2.026  -10.961 12.616  1.00 36.26 ? 42 NT  A C17   1 
HETATM 852 C  C18   . NT  F 2 .  ? -2.268  -11.654 13.977  1.00 35.87 ? 42 NT  A C18   1 
HETATM 853 N  N9    . NT  F 2 .  ? -1.356  -12.050 14.870  1.00 34.27 ? 42 NT  A N9    1 
HETATM 854 N  N10   . NT  F 2 .  ? -3.510  -11.891 14.384  1.00 35.79 ? 42 NT  A N10   1 
HETATM 855 C  C1    . NT  G 2 .  ? 13.050  2.305   -13.003 1.00 62.75 ? 43 NT  C C1    1 
HETATM 856 N  N1    . NT  G 2 .  ? 11.871  2.136   -12.395 1.00 63.53 ? 43 NT  C N1    1 
HETATM 857 N  N2    . NT  G 2 .  ? 13.391  3.480   -13.553 1.00 62.91 ? 43 NT  C N2    1 
HETATM 858 N  N3    . NT  G 2 .  ? 13.870  1.264   -13.092 1.00 61.73 ? 43 NT  C N3    1 
HETATM 859 C  C2    . NT  G 2 .  ? 14.598  1.066   -14.329 1.00 59.32 ? 43 NT  C C2    1 
HETATM 860 C  C3    . NT  G 2 .  ? 15.552  -0.074  -14.054 1.00 57.45 ? 43 NT  C C3    1 
HETATM 861 O  O1    . NT  G 2 .  ? 16.737  0.206   -13.926 1.00 56.63 ? 43 NT  C O1    1 
HETATM 862 N  N4    . NT  G 2 .  ? 14.982  -1.289  -13.956 1.00 56.53 ? 43 NT  C N4    1 
HETATM 863 C  C4    . NT  G 2 .  ? 15.655  -2.491  -13.770 1.00 55.82 ? 43 NT  C C4    1 
HETATM 864 C  C5    . NT  G 2 .  ? 15.084  -3.747  -13.709 1.00 55.80 ? 43 NT  C C5    1 
HETATM 865 C  C6    . NT  G 2 .  ? 16.045  -4.731  -13.548 1.00 55.29 ? 43 NT  C C6    1 
HETATM 866 N  N5    . NT  G 2 .  ? 17.230  -4.066  -13.525 1.00 55.61 ? 43 NT  C N5    1 
HETATM 867 C  C8    . NT  G 2 .  ? 18.651  -4.595  -13.383 1.00 56.30 ? 43 NT  C C8    1 
HETATM 868 C  C7    . NT  G 2 .  ? 17.044  -2.749  -13.648 1.00 55.57 ? 43 NT  C C7    1 
HETATM 869 C  C9    . NT  G 2 .  ? 15.909  -6.171  -13.307 1.00 54.34 ? 43 NT  C C9    1 
HETATM 870 O  O2    . NT  G 2 .  ? 16.836  -6.744  -12.761 1.00 53.36 ? 43 NT  C O2    1 
HETATM 871 N  N6    . NT  G 2 .  ? 14.763  -6.794  -13.643 1.00 54.32 ? 43 NT  C N6    1 
HETATM 872 C  C10   . NT  G 2 .  ? 14.497  -8.137  -13.364 1.00 55.06 ? 43 NT  C C10   1 
HETATM 873 C  C11   . NT  G 2 .  ? 13.480  -9.002  -13.748 1.00 55.48 ? 43 NT  C C11   1 
HETATM 874 C  C12   . NT  G 2 .  ? 13.614  -10.256 -13.156 1.00 56.70 ? 43 NT  C C12   1 
HETATM 875 N  N7    . NT  G 2 .  ? 14.737  -10.142 -12.391 1.00 56.87 ? 43 NT  C N7    1 
HETATM 876 C  C14   . NT  G 2 .  ? 15.443  -11.155 -11.468 1.00 57.46 ? 43 NT  C C14   1 
HETATM 877 C  C13   . NT  G 2 .  ? 15.273  -8.926  -12.495 1.00 55.94 ? 43 NT  C C13   1 
HETATM 878 C  C15   . NT  G 2 .  ? 12.826  -11.519 -13.264 1.00 57.86 ? 43 NT  C C15   1 
HETATM 879 O  O3    . NT  G 2 .  ? 13.143  -12.639 -12.845 1.00 58.39 ? 43 NT  C O3    1 
HETATM 880 N  N8    . NT  G 2 .  ? 11.655  -11.444 -13.913 1.00 58.67 ? 43 NT  C N8    1 
HETATM 881 C  C16   . NT  G 2 .  ? 10.782  -12.587 -14.131 1.00 58.88 ? 43 NT  C C16   1 
HETATM 882 C  C17   . NT  G 2 .  ? 10.437  -13.901 -13.444 1.00 59.05 ? 43 NT  C C17   1 
HETATM 883 C  C18   . NT  G 2 .  ? 9.232   -14.628 -14.079 1.00 59.36 ? 43 NT  C C18   1 
HETATM 884 N  N9    . NT  G 2 .  ? 8.524   -14.442 -15.218 1.00 58.36 ? 43 NT  C N9    1 
HETATM 885 N  N10   . NT  G 2 .  ? 8.936   -15.596 -13.211 1.00 59.74 ? 43 NT  C N10   1 
HETATM 886 C  C1    . NT  H 2 .  ? 7.781   6.889   -10.019 1.00 54.64 ? 44 NT  C C1    1 
HETATM 887 N  N1    . NT  H 2 .  ? 7.812   7.522   -11.199 1.00 55.87 ? 44 NT  C N1    1 
HETATM 888 N  N2    . NT  H 2 .  ? 8.832   6.102   -9.732  1.00 55.42 ? 44 NT  C N2    1 
HETATM 889 N  N3    . NT  H 2 .  ? 6.748   7.086   -9.172  1.00 53.17 ? 44 NT  C N3    1 
HETATM 890 C  C2    . NT  H 2 .  ? 6.085   8.377   -9.056  1.00 49.22 ? 44 NT  C C2    1 
HETATM 891 C  C3    . NT  H 2 .  ? 5.065   8.273   -7.945  1.00 47.09 ? 44 NT  C C3    1 
HETATM 892 O  O1    . NT  H 2 .  ? 4.014   8.672   -8.377  1.00 46.36 ? 44 NT  C O1    1 
HETATM 893 N  N4    . NT  H 2 .  ? 5.232   7.802   -6.702  1.00 45.32 ? 44 NT  C N4    1 
HETATM 894 C  C4    . NT  H 2 .  ? 4.281   7.753   -5.674  1.00 43.93 ? 44 NT  C C4    1 
HETATM 895 C  C5    . NT  H 2 .  ? 4.538   7.478   -4.342  1.00 42.90 ? 44 NT  C C5    1 
HETATM 896 C  C6    . NT  H 2 .  ? 3.411   7.528   -3.565  1.00 41.46 ? 44 NT  C C6    1 
HETATM 897 N  N5    . NT  H 2 .  ? 2.405   7.835   -4.388  1.00 42.67 ? 44 NT  C N5    1 
HETATM 898 C  C8    . NT  H 2 .  ? 0.916   8.004   -4.022  1.00 42.91 ? 44 NT  C C8    1 
HETATM 899 C  C7    . NT  H 2 .  ? 2.880   7.980   -5.646  1.00 43.49 ? 44 NT  C C7    1 
HETATM 900 C  C9    . NT  H 2 .  ? 3.159   7.291   -2.174  1.00 40.65 ? 44 NT  C C9    1 
HETATM 901 O  O2    . NT  H 2 .  ? 2.028   6.977   -1.849  1.00 40.91 ? 44 NT  C O2    1 
HETATM 902 N  N6    . NT  H 2 .  ? 4.157   7.423   -1.305  1.00 40.57 ? 44 NT  C N6    1 
HETATM 903 C  C10   . NT  H 2 .  ? 3.938   7.043   0.012   1.00 40.63 ? 44 NT  C C10   1 
HETATM 904 C  C11   . NT  H 2 .  ? 4.720   7.178   1.139   1.00 41.30 ? 44 NT  C C11   1 
HETATM 905 C  C12   . NT  H 2 .  ? 4.126   6.597   2.235   1.00 42.25 ? 44 NT  C C12   1 
HETATM 906 N  N7    . NT  H 2 .  ? 2.952   6.090   1.770   1.00 42.34 ? 44 NT  C N7    1 
HETATM 907 C  C14   . NT  H 2 .  ? 1.781   5.316   2.429   1.00 43.70 ? 44 NT  C C14   1 
HETATM 908 C  C13   . NT  H 2 .  ? 2.816   6.335   0.474   1.00 40.92 ? 44 NT  C C13   1 
HETATM 909 C  C15   . NT  H 2 .  ? 4.531   6.485   3.635   1.00 43.35 ? 44 NT  C C15   1 
HETATM 910 O  O3    . NT  H 2 .  ? 3.794   5.932   4.422   1.00 44.28 ? 44 NT  C O3    1 
HETATM 911 N  N8    . NT  H 2 .  ? 5.668   7.004   4.096   1.00 44.66 ? 44 NT  C N8    1 
HETATM 912 C  C16   . NT  H 2 .  ? 5.954   6.832   5.511   1.00 46.85 ? 44 NT  C C16   1 
HETATM 913 C  C17   . NT  H 2 .  ? 5.195   6.106   6.628   1.00 49.18 ? 44 NT  C C17   1 
HETATM 914 C  C18   . NT  H 2 .  ? 5.959   5.730   7.908   1.00 51.74 ? 44 NT  C C18   1 
HETATM 915 N  N9    . NT  H 2 .  ? 5.456   4.820   8.772   1.00 52.77 ? 44 NT  C N9    1 
HETATM 916 N  N10   . NT  H 2 .  ? 7.157   6.321   8.098   1.00 52.12 ? 44 NT  C N10   1 
HETATM 917 O  O     . HOH I 3 .  ? 2.216   15.389  6.057   1.00 35.77 ? 46 HOH A O     1 
HETATM 918 O  O     . HOH I 3 .  ? -2.137  8.385   7.324   1.00 53.74 ? 49 HOH A O     1 
HETATM 919 O  O     . HOH I 3 .  ? -4.991  7.873   1.254   1.00 54.72 ? 50 HOH A O     1 
HETATM 920 O  O     . HOH I 3 .  ? -10.088 -4.241  14.585  1.00 58.63 ? 52 HOH A O     1 
HETATM 921 O  O     . HOH I 3 .  ? -2.388  -12.193 17.087  1.00 64.10 ? 55 HOH A O     1 
HETATM 922 O  O     . HOH I 3 .  ? -10.381 -1.614  12.324  1.00 70.56 ? 60 HOH A O     1 
HETATM 923 O  O     . HOH I 3 .  ? -14.278 -1.084  2.522   1.00 71.64 ? 61 HOH A O     1 
HETATM 924 O  O     . HOH I 3 .  ? 3.419   14.780  8.527   1.00 74.74 ? 65 HOH A O     1 
HETATM 925 O  O     . HOH I 3 .  ? -7.946  -0.013  15.510  1.00 76.05 ? 66 HOH A O     1 
HETATM 926 O  O     . HOH I 3 .  ? -11.575 -5.520  -0.867  1.00 86.05 ? 74 HOH A O     1 
HETATM 927 O  O     . HOH I 3 .  ? -10.676 -11.709 -1.547  1.00 86.08 ? 75 HOH A O     1 
HETATM 928 O  O     . HOH I 3 .  ? -13.021 -10.126 10.825  1.00 86.45 ? 76 HOH A O     1 
HETATM 929 O  O     . HOH I 3 .  ? -11.561 -14.602 8.893   1.00 86.60 ? 77 HOH A O     1 
HETATM 930 O  O     . HOH I 3 .  ? -7.750  1.415   12.300  1.00 88.74 ? 82 HOH A O     1 
HETATM 931 O  O     . HOH J 3 .  ? -11.635 12.209  -1.997  1.00 41.28 ? 47 HOH B O     1 
HETATM 932 O  O     . HOH J 3 .  ? -22.032 10.646  2.718   1.00 50.88 ? 48 HOH B O     1 
HETATM 933 O  O     . HOH J 3 .  ? -5.292  1.988   -0.611  1.00 55.05 ? 51 HOH B O     1 
HETATM 934 O  O     . HOH J 3 .  ? -14.202 -8.292  22.315  1.00 64.77 ? 57 HOH B O     1 
HETATM 935 O  O     . HOH J 3 .  ? -12.620 -10.637 25.192  1.00 73.39 ? 63 HOH B O     1 
HETATM 936 O  O     . HOH J 3 .  ? -13.225 -4.413  25.848  1.00 74.73 ? 64 HOH B O     1 
HETATM 937 O  O     . HOH J 3 .  ? -17.312 -16.619 15.901  1.00 82.36 ? 71 HOH B O     1 
HETATM 938 O  O     . HOH J 3 .  ? -3.568  0.705   4.582   1.00 85.08 ? 73 HOH B O     1 
HETATM 939 O  O     . HOH J 3 .  ? -19.651 2.226   -2.182  1.00 87.28 ? 78 HOH B O     1 
HETATM 940 O  O     . HOH J 3 .  ? -24.184 12.390  -0.901  1.00 88.43 ? 81 HOH B O     1 
HETATM 941 O  O     . HOH K 3 .  ? 10.712  14.774  1.333   1.00 26.80 ? 45 HOH C O     1 
HETATM 942 O  O     . HOH K 3 .  ? 10.867  4.740   -13.214 1.00 61.24 ? 53 HOH C O     1 
HETATM 943 O  O     . HOH K 3 .  ? 2.632   15.486  3.436   1.00 62.11 ? 54 HOH C O     1 
HETATM 944 O  O     . HOH K 3 .  ? 17.680  12.823  -4.930  1.00 64.63 ? 56 HOH C O     1 
HETATM 945 O  O     . HOH K 3 .  ? 14.341  4.322   -3.911  1.00 70.00 ? 59 HOH C O     1 
HETATM 946 O  O     . HOH K 3 .  ? 6.530   14.890  -3.649  1.00 71.90 ? 62 HOH C O     1 
HETATM 947 O  O     . HOH K 3 .  ? 8.495   16.496  -7.430  1.00 78.37 ? 68 HOH C O     1 
HETATM 948 O  O     . HOH K 3 .  ? -2.492  9.910   -1.602  1.00 78.53 ? 69 HOH C O     1 
HETATM 949 O  O     . HOH K 3 .  ? -1.072  -9.787  -13.139 1.00 81.20 ? 70 HOH C O     1 
HETATM 950 O  O     . HOH K 3 .  ? 4.440   -5.868  -8.378  1.00 82.39 ? 72 HOH C O     1 
HETATM 951 O  O     . HOH K 3 .  ? 13.773  1.066   -3.871  1.00 87.29 ? 79 HOH C O     1 
HETATM 952 O  O     . HOH L 3 .  ? 6.285   -2.209  -8.526  1.00 65.37 ? 58 HOH D O     1 
HETATM 953 O  O     . HOH L 3 .  ? 11.584  -0.560  -1.660  1.00 76.23 ? 67 HOH D O     1 
HETATM 954 O  O     . HOH L 3 .  ? -3.778  5.737   -1.985  1.00 88.21 ? 80 HOH D O     1 
# 
